data_2G6Y
#
_entry.id   2G6Y
#
_cell.length_a   68.007
_cell.length_b   97.160
_cell.length_c   75.153
_cell.angle_alpha   90.00
_cell.angle_beta   96.46
_cell.angle_gamma   90.00
#
_symmetry.space_group_name_H-M   'P 1 21 1'
#
loop_
_entity.id
_entity.type
_entity.pdbx_description
1 polymer 'green fluorescent protein 2'
2 water water
#
_entity_poly.entity_id   1
_entity_poly.type   'polypeptide(L)'
_entity_poly.pdbx_seq_one_letter_code
;LPAMEIECRITGTLNGVEFELVGGGEGTPEQGRMTNKMKSTKGALTFSPYLLSHVM(CR2)FYHFGTYPSGYENPFLHAI
NNGGYTNTRIEKYEDGGVLHVSFSYRYEAGRVIGDFKVMGTGFPEDSVIFTDKIIRSNATVEHLHPMGDNDLDGSFTRTF
SLRDGGYYSSVVDSHMHFKSAIHPSILQNGGPMFAFRRVEEDHSNTELGIVEYQHAFKTPD
;
_entity_poly.pdbx_strand_id   A,B,C,D
#
# COMPACT_ATOMS: atom_id res chain seq x y z
N ALA A 3 32.21 11.29 -22.82
CA ALA A 3 31.05 10.55 -22.25
C ALA A 3 31.66 9.55 -21.26
N MET A 4 30.84 9.03 -20.35
CA MET A 4 31.26 7.98 -19.44
CA MET A 4 31.26 7.97 -19.44
C MET A 4 30.85 6.64 -20.05
N GLU A 5 31.74 5.65 -19.96
CA GLU A 5 31.36 4.32 -20.38
C GLU A 5 30.49 3.72 -19.27
N ILE A 6 29.55 2.88 -19.68
CA ILE A 6 28.71 2.13 -18.74
C ILE A 6 28.88 0.63 -18.99
N GLU A 7 29.05 -0.16 -17.92
CA GLU A 7 28.98 -1.61 -18.01
C GLU A 7 27.90 -2.03 -17.07
N CYS A 8 27.18 -3.08 -17.43
CA CYS A 8 26.02 -3.45 -16.63
C CYS A 8 25.76 -4.96 -16.64
N ARG A 9 25.45 -5.51 -15.47
CA ARG A 9 24.91 -6.86 -15.39
CA ARG A 9 24.93 -6.87 -15.36
C ARG A 9 23.63 -6.84 -14.55
N ILE A 10 22.64 -7.58 -15.04
CA ILE A 10 21.38 -7.72 -14.33
C ILE A 10 21.20 -9.20 -14.11
N THR A 11 21.01 -9.61 -12.85
CA THR A 11 20.72 -11.01 -12.55
C THR A 11 19.47 -11.04 -11.71
N GLY A 12 18.67 -12.07 -11.90
CA GLY A 12 17.46 -12.10 -11.11
C GLY A 12 16.64 -13.36 -11.35
N THR A 13 15.48 -13.33 -10.73
CA THR A 13 14.48 -14.36 -10.98
C THR A 13 13.14 -13.64 -11.09
N LEU A 14 12.25 -14.21 -11.91
CA LEU A 14 10.87 -13.73 -12.01
C LEU A 14 10.01 -14.96 -11.90
N ASN A 15 9.17 -14.95 -10.87
CA ASN A 15 8.34 -16.12 -10.53
C ASN A 15 9.23 -17.36 -10.45
N GLY A 16 10.46 -17.23 -9.97
CA GLY A 16 11.32 -18.41 -9.84
C GLY A 16 12.32 -18.68 -10.95
N VAL A 17 12.07 -18.08 -12.11
CA VAL A 17 12.77 -18.44 -13.35
C VAL A 17 13.97 -17.50 -13.42
N GLU A 18 15.16 -18.07 -13.44
CA GLU A 18 16.37 -17.24 -13.45
C GLU A 18 16.61 -16.58 -14.80
N PHE A 19 17.07 -15.33 -14.71
CA PHE A 19 17.49 -14.63 -15.93
C PHE A 19 18.78 -13.85 -15.66
N GLU A 20 19.53 -13.54 -16.71
CA GLU A 20 20.75 -12.75 -16.54
C GLU A 20 20.98 -12.04 -17.87
N LEU A 21 21.31 -10.76 -17.76
CA LEU A 21 21.69 -10.00 -18.96
C LEU A 21 23.00 -9.29 -18.69
N VAL A 22 23.79 -9.05 -19.73
CA VAL A 22 25.06 -8.33 -19.57
C VAL A 22 25.19 -7.41 -20.78
N GLY A 23 25.83 -6.27 -20.56
CA GLY A 23 26.08 -5.36 -21.68
C GLY A 23 26.54 -4.01 -21.17
N GLY A 24 26.14 -2.97 -21.89
CA GLY A 24 26.65 -1.66 -21.51
C GLY A 24 26.37 -0.64 -22.59
N GLY A 25 27.00 0.53 -22.44
CA GLY A 25 26.68 1.66 -23.31
C GLY A 25 27.54 2.82 -22.85
N GLU A 26 26.98 4.02 -22.92
CA GLU A 26 27.71 5.22 -22.56
C GLU A 26 26.68 6.27 -22.22
N GLY A 27 27.13 7.30 -21.51
CA GLY A 27 26.23 8.38 -21.15
C GLY A 27 26.93 9.71 -21.01
N THR A 28 26.15 10.76 -21.16
CA THR A 28 26.71 12.10 -21.08
C THR A 28 25.86 12.88 -20.08
N PRO A 29 26.31 12.98 -18.82
CA PRO A 29 25.46 13.67 -17.83
C PRO A 29 24.95 15.07 -18.12
N GLU A 30 25.76 15.89 -18.79
CA GLU A 30 25.34 17.27 -19.07
C GLU A 30 24.21 17.33 -20.10
N GLN A 31 24.06 16.24 -20.85
CA GLN A 31 23.00 16.10 -21.85
C GLN A 31 21.82 15.30 -21.32
N GLY A 32 21.99 14.72 -20.15
CA GLY A 32 20.97 13.89 -19.49
C GLY A 32 20.64 12.64 -20.29
N ARG A 33 21.61 12.09 -21.02
CA ARG A 33 21.34 11.01 -21.97
C ARG A 33 22.24 9.83 -21.67
N MET A 34 21.71 8.62 -21.81
CA MET A 34 22.58 7.44 -21.76
CA MET A 34 22.59 7.45 -21.78
C MET A 34 21.99 6.36 -22.65
N THR A 35 22.83 5.41 -23.03
CA THR A 35 22.36 4.27 -23.82
C THR A 35 22.78 3.00 -23.10
N ASN A 36 22.04 1.92 -23.28
CA ASN A 36 22.51 0.64 -22.73
C ASN A 36 21.92 -0.44 -23.61
N LYS A 37 22.78 -1.34 -24.07
CA LYS A 37 22.36 -2.54 -24.80
C LYS A 37 22.87 -3.76 -24.07
N MET A 38 21.97 -4.72 -23.85
CA MET A 38 22.31 -5.91 -23.10
C MET A 38 21.76 -7.16 -23.74
N LYS A 39 22.46 -8.26 -23.54
CA LYS A 39 22.06 -9.54 -24.11
CA LYS A 39 22.07 -9.55 -24.10
C LYS A 39 21.80 -10.53 -22.98
N SER A 40 20.75 -11.33 -23.16
CA SER A 40 20.46 -12.42 -22.26
C SER A 40 21.50 -13.52 -22.37
N THR A 41 21.92 -14.03 -21.20
CA THR A 41 22.84 -15.17 -21.21
C THR A 41 22.20 -16.49 -20.78
N LYS A 42 20.90 -16.51 -20.55
CA LYS A 42 20.18 -17.72 -20.18
C LYS A 42 19.01 -17.99 -21.13
N GLY A 43 19.21 -17.63 -22.40
CA GLY A 43 18.21 -17.75 -23.45
C GLY A 43 17.12 -16.70 -23.47
N ALA A 44 16.05 -16.98 -24.23
CA ALA A 44 14.96 -16.02 -24.32
C ALA A 44 14.32 -15.73 -22.97
N LEU A 45 14.05 -14.46 -22.71
CA LEU A 45 13.30 -14.12 -21.49
C LEU A 45 11.90 -14.72 -21.54
N THR A 46 11.38 -15.13 -20.39
CA THR A 46 10.04 -15.68 -20.25
C THR A 46 8.96 -14.66 -19.89
N PHE A 47 9.33 -13.39 -19.90
CA PHE A 47 8.41 -12.29 -19.59
C PHE A 47 8.83 -11.11 -20.49
N SER A 48 7.97 -10.10 -20.51
CA SER A 48 8.14 -8.98 -21.42
C SER A 48 9.47 -8.26 -21.15
N PRO A 49 10.32 -8.06 -22.17
CA PRO A 49 11.56 -7.33 -21.91
C PRO A 49 11.34 -5.88 -21.47
N TYR A 50 10.18 -5.27 -21.73
CA TYR A 50 9.89 -3.91 -21.29
C TYR A 50 9.90 -3.78 -19.76
N LEU A 51 9.72 -4.90 -19.06
CA LEU A 51 9.78 -4.92 -17.60
C LEU A 51 11.19 -4.55 -17.10
N LEU A 52 12.19 -4.73 -17.95
CA LEU A 52 13.57 -4.47 -17.55
C LEU A 52 14.14 -3.11 -17.99
N SER A 53 13.38 -2.34 -18.77
CA SER A 53 13.92 -1.07 -19.28
C SER A 53 14.36 -0.16 -18.15
N HIS A 54 13.55 -0.04 -17.09
CA HIS A 54 13.94 0.83 -15.98
C HIS A 54 14.91 0.17 -14.98
N VAL A 55 15.37 -1.06 -15.22
CA VAL A 55 16.47 -1.65 -14.48
C VAL A 55 17.76 -1.41 -15.28
N MET A 56 17.67 -1.53 -16.60
CA MET A 56 18.81 -1.12 -17.47
C MET A 56 19.21 0.35 -17.35
N1 CR2 A 57 18.29 1.27 -17.04
CA1 CR2 A 57 18.59 2.70 -16.96
C1 CR2 A 57 17.83 3.04 -15.70
N2 CR2 A 57 16.60 3.58 -15.76
N3 CR2 A 57 18.26 2.77 -14.44
C2 CR2 A 57 17.24 3.15 -13.64
O2 CR2 A 57 17.29 3.03 -12.36
CA2 CR2 A 57 16.23 3.66 -14.45
CA3 CR2 A 57 19.42 2.17 -14.02
C3 CR2 A 57 20.62 2.96 -13.52
O3 CR2 A 57 21.42 2.46 -12.73
CB2 CR2 A 57 15.00 4.15 -13.90
CG2 CR2 A 57 13.89 4.70 -14.58
CD1 CR2 A 57 13.83 4.78 -15.98
CD2 CR2 A 57 12.80 5.11 -13.80
CE1 CR2 A 57 12.72 5.31 -16.64
CE2 CR2 A 57 11.69 5.62 -14.49
CZ CR2 A 57 11.62 5.74 -15.89
OH CR2 A 57 10.46 6.24 -16.43
N PHE A 58 20.75 4.19 -14.01
CA PHE A 58 21.98 4.95 -13.75
C PHE A 58 21.59 6.43 -13.63
N TYR A 59 21.21 6.81 -12.42
CA TYR A 59 20.78 8.21 -12.16
C TYR A 59 21.85 9.28 -12.34
N HIS A 60 23.08 8.78 -12.45
CA HIS A 60 24.21 9.67 -12.65
C HIS A 60 24.05 10.55 -13.88
N PHE A 61 23.29 10.07 -14.88
CA PHE A 61 23.26 10.66 -16.21
C PHE A 61 22.02 11.52 -16.38
N GLY A 62 21.66 12.23 -15.33
CA GLY A 62 20.56 13.16 -15.51
C GLY A 62 21.04 14.59 -15.35
N THR A 63 20.35 15.51 -16.02
CA THR A 63 20.68 16.92 -15.87
C THR A 63 19.95 17.45 -14.64
N TYR A 64 20.56 18.45 -14.00
CA TYR A 64 19.94 19.16 -12.87
C TYR A 64 19.90 20.64 -13.23
N PRO A 65 18.99 21.40 -12.61
CA PRO A 65 18.89 22.82 -12.96
C PRO A 65 20.13 23.64 -12.61
N SER A 66 20.20 24.83 -13.18
CA SER A 66 21.25 25.79 -12.86
C SER A 66 21.47 25.92 -11.35
N GLY A 67 22.71 25.76 -10.92
CA GLY A 67 23.06 25.94 -9.53
C GLY A 67 22.92 24.70 -8.66
N TYR A 68 22.37 23.63 -9.24
CA TYR A 68 22.23 22.36 -8.54
C TYR A 68 23.21 21.35 -9.13
N GLU A 69 23.60 20.38 -8.33
CA GLU A 69 24.44 19.29 -8.80
C GLU A 69 23.65 18.00 -8.64
N ASN A 70 23.75 17.16 -9.67
CA ASN A 70 23.23 15.80 -9.60
C ASN A 70 23.90 15.07 -8.44
N PRO A 71 23.14 14.66 -7.42
CA PRO A 71 23.78 14.12 -6.21
C PRO A 71 24.37 12.72 -6.41
N PHE A 72 23.80 12.01 -7.39
CA PHE A 72 24.25 10.67 -7.75
C PHE A 72 25.61 10.74 -8.46
N LEU A 73 25.70 11.64 -9.44
CA LEU A 73 26.96 11.94 -10.09
C LEU A 73 27.99 12.43 -9.07
N HIS A 74 27.56 13.33 -8.17
CA HIS A 74 28.53 13.87 -7.20
C HIS A 74 29.07 12.81 -6.24
N ALA A 75 28.22 11.85 -5.88
CA ALA A 75 28.64 10.82 -4.94
C ALA A 75 29.76 9.90 -5.45
N ILE A 76 30.08 9.95 -6.74
CA ILE A 76 31.10 9.05 -7.28
C ILE A 76 32.42 9.20 -6.51
N ASN A 77 32.71 10.43 -6.03
CA ASN A 77 33.98 10.69 -5.36
C ASN A 77 33.97 10.62 -3.84
N ASN A 78 32.81 10.36 -3.25
CA ASN A 78 32.79 10.35 -1.79
C ASN A 78 32.03 9.14 -1.23
N GLY A 79 32.15 8.00 -1.91
CA GLY A 79 31.64 6.76 -1.33
C GLY A 79 30.42 6.19 -2.03
N GLY A 80 29.82 6.97 -2.94
CA GLY A 80 28.72 6.48 -3.75
C GLY A 80 27.41 6.35 -2.99
N TYR A 81 26.50 5.61 -3.61
CA TYR A 81 25.17 5.36 -3.05
C TYR A 81 24.69 4.01 -3.55
N THR A 82 23.68 3.49 -2.84
CA THR A 82 22.97 2.33 -3.34
C THR A 82 21.53 2.78 -3.62
N ASN A 83 20.82 2.04 -4.45
CA ASN A 83 19.40 2.31 -4.70
C ASN A 83 18.69 0.98 -4.49
N THR A 84 17.57 1.01 -3.78
CA THR A 84 16.76 -0.19 -3.61
C THR A 84 15.31 0.21 -3.91
N ARG A 85 14.60 -0.54 -4.75
CA ARG A 85 13.27 -0.10 -5.23
C ARG A 85 12.33 -1.28 -5.02
N ILE A 86 11.11 -0.96 -4.62
CA ILE A 86 10.02 -1.93 -4.51
C ILE A 86 8.97 -1.44 -5.47
N GLU A 87 8.60 -2.29 -6.43
CA GLU A 87 7.66 -1.91 -7.49
C GLU A 87 6.46 -2.82 -7.39
N LYS A 88 5.31 -2.19 -7.21
CA LYS A 88 4.06 -2.97 -7.08
CA LYS A 88 4.08 -2.99 -7.09
C LYS A 88 3.21 -2.80 -8.33
N TYR A 89 2.94 -3.90 -9.04
CA TYR A 89 2.21 -3.87 -10.31
C TYR A 89 0.71 -4.03 -10.06
N GLU A 90 -0.13 -3.50 -10.95
CA GLU A 90 -1.56 -3.50 -10.70
C GLU A 90 -2.24 -4.87 -10.62
N ASP A 91 -1.56 -5.89 -11.16
CA ASP A 91 -2.06 -7.26 -11.06
C ASP A 91 -1.52 -8.06 -9.87
N GLY A 92 -0.83 -7.38 -8.95
CA GLY A 92 -0.28 -8.03 -7.75
C GLY A 92 1.19 -8.43 -7.81
N GLY A 93 1.79 -8.38 -8.99
CA GLY A 93 3.21 -8.71 -9.05
C GLY A 93 4.07 -7.70 -8.32
N VAL A 94 5.21 -8.15 -7.80
CA VAL A 94 6.14 -7.26 -7.08
C VAL A 94 7.53 -7.44 -7.64
N LEU A 95 8.23 -6.34 -7.90
CA LEU A 95 9.64 -6.45 -8.22
C LEU A 95 10.43 -5.78 -7.10
N HIS A 96 11.44 -6.48 -6.58
CA HIS A 96 12.38 -5.83 -5.66
C HIS A 96 13.68 -5.74 -6.44
N VAL A 97 14.23 -4.53 -6.52
CA VAL A 97 15.42 -4.36 -7.34
C VAL A 97 16.46 -3.64 -6.50
N SER A 98 17.69 -4.15 -6.51
CA SER A 98 18.77 -3.45 -5.84
C SER A 98 19.87 -3.12 -6.84
N PHE A 99 20.37 -1.89 -6.69
CA PHE A 99 21.41 -1.36 -7.55
C PHE A 99 22.69 -1.05 -6.78
N SER A 100 23.80 -1.60 -7.28
CA SER A 100 25.10 -1.26 -6.71
CA SER A 100 25.13 -1.38 -6.73
C SER A 100 26.03 -0.91 -7.86
N TYR A 101 27.00 -0.05 -7.54
CA TYR A 101 27.84 0.54 -8.58
C TYR A 101 29.29 0.52 -8.11
N ARG A 102 30.19 0.44 -9.07
CA ARG A 102 31.64 0.62 -8.86
C ARG A 102 32.10 1.61 -9.92
N TYR A 103 33.11 2.45 -9.63
CA TYR A 103 33.55 3.52 -10.52
C TYR A 103 35.03 3.35 -10.88
N GLU A 104 35.39 3.65 -12.13
CA GLU A 104 36.80 3.76 -12.55
C GLU A 104 36.88 5.07 -13.33
N ALA A 105 38.07 5.55 -13.71
CA ALA A 105 38.14 6.75 -14.54
C ALA A 105 37.34 6.53 -15.81
N GLY A 106 36.39 7.43 -16.05
CA GLY A 106 35.57 7.41 -17.26
C GLY A 106 34.59 6.24 -17.38
N ARG A 107 34.25 5.58 -16.27
CA ARG A 107 33.39 4.39 -16.37
C ARG A 107 32.56 4.16 -15.12
N VAL A 108 31.32 3.73 -15.32
CA VAL A 108 30.54 3.24 -14.18
CA VAL A 108 30.46 3.28 -14.22
C VAL A 108 30.10 1.82 -14.51
N ILE A 109 30.19 0.97 -13.50
CA ILE A 109 29.87 -0.44 -13.63
CA ILE A 109 29.88 -0.45 -13.62
C ILE A 109 28.71 -0.74 -12.67
N GLY A 110 27.59 -1.16 -13.23
CA GLY A 110 26.41 -1.44 -12.39
C GLY A 110 26.17 -2.94 -12.28
N ASP A 111 25.87 -3.44 -11.09
CA ASP A 111 25.59 -4.85 -10.90
C ASP A 111 24.26 -4.86 -10.16
N PHE A 112 23.21 -5.29 -10.88
CA PHE A 112 21.85 -5.09 -10.38
C PHE A 112 21.15 -6.42 -10.15
N LYS A 113 20.35 -6.48 -9.09
CA LYS A 113 19.71 -7.73 -8.68
CA LYS A 113 19.71 -7.73 -8.71
C LYS A 113 18.21 -7.55 -8.66
N VAL A 114 17.48 -8.42 -9.33
CA VAL A 114 16.03 -8.33 -9.41
C VAL A 114 15.34 -9.59 -8.88
N MET A 115 14.34 -9.38 -8.03
CA MET A 115 13.56 -10.53 -7.60
C MET A 115 12.10 -10.12 -7.82
N GLY A 116 11.49 -10.78 -8.79
CA GLY A 116 10.07 -10.59 -9.05
C GLY A 116 9.26 -11.80 -8.65
N THR A 117 8.16 -11.52 -7.98
CA THR A 117 7.32 -12.62 -7.52
C THR A 117 5.85 -12.22 -7.63
N GLY A 118 4.99 -13.22 -7.64
CA GLY A 118 3.57 -12.93 -7.48
C GLY A 118 2.82 -12.47 -8.71
N PHE A 119 3.47 -12.52 -9.88
CA PHE A 119 2.75 -12.21 -11.11
C PHE A 119 1.85 -13.37 -11.49
N PRO A 120 0.55 -13.09 -11.70
CA PRO A 120 -0.33 -14.22 -12.00
C PRO A 120 -0.07 -14.79 -13.39
N GLU A 121 -0.48 -16.04 -13.61
CA GLU A 121 -0.23 -16.69 -14.90
C GLU A 121 -0.86 -15.87 -16.04
N ASP A 122 -1.99 -15.21 -15.79
CA ASP A 122 -2.59 -14.36 -16.84
C ASP A 122 -2.08 -12.91 -16.94
N SER A 123 -0.95 -12.64 -16.29
CA SER A 123 -0.41 -11.28 -16.30
C SER A 123 -0.05 -10.84 -17.71
N VAL A 124 -0.24 -9.56 -17.99
CA VAL A 124 0.21 -9.04 -19.28
CA VAL A 124 0.26 -8.90 -19.20
C VAL A 124 1.72 -9.19 -19.49
N ILE A 125 2.49 -9.39 -18.43
CA ILE A 125 3.94 -9.54 -18.62
C ILE A 125 4.33 -10.85 -19.28
N PHE A 126 3.41 -11.83 -19.28
CA PHE A 126 3.65 -13.08 -20.00
C PHE A 126 3.10 -13.16 -21.43
N THR A 127 2.76 -11.99 -21.95
CA THR A 127 2.24 -11.82 -23.30
C THR A 127 3.12 -10.82 -24.07
N ASP A 128 2.76 -10.56 -25.32
CA ASP A 128 3.45 -9.50 -26.07
CA ASP A 128 3.41 -9.52 -26.11
C ASP A 128 2.60 -8.23 -26.13
N LYS A 129 1.74 -8.04 -25.13
CA LYS A 129 0.82 -6.91 -25.19
CA LYS A 129 0.82 -6.91 -25.14
C LYS A 129 1.54 -5.60 -24.90
N ILE A 130 2.57 -5.59 -24.07
CA ILE A 130 3.22 -4.32 -23.77
C ILE A 130 4.05 -3.89 -24.98
N ILE A 131 3.86 -2.64 -25.40
CA ILE A 131 4.60 -2.13 -26.56
C ILE A 131 5.60 -1.01 -26.28
N ARG A 132 5.46 -0.38 -25.10
CA ARG A 132 6.41 0.63 -24.67
CA ARG A 132 6.44 0.61 -24.67
C ARG A 132 6.22 0.97 -23.20
N SER A 133 7.29 1.47 -22.58
CA SER A 133 7.21 2.08 -21.25
C SER A 133 7.00 3.58 -21.43
N ASN A 134 6.13 4.16 -20.61
CA ASN A 134 5.86 5.59 -20.77
C ASN A 134 6.69 6.43 -19.83
N ALA A 135 6.62 7.74 -20.01
CA ALA A 135 7.45 8.67 -19.23
C ALA A 135 6.94 8.68 -17.78
N THR A 136 7.82 9.09 -16.88
CA THR A 136 7.52 9.22 -15.45
C THR A 136 8.15 10.50 -14.90
N VAL A 137 7.60 10.95 -13.76
CA VAL A 137 8.21 12.01 -12.95
C VAL A 137 8.30 11.51 -11.49
N GLU A 138 9.55 11.30 -11.06
CA GLU A 138 9.82 10.87 -9.71
C GLU A 138 9.89 12.06 -8.75
N HIS A 139 9.24 11.92 -7.60
CA HIS A 139 9.34 12.86 -6.48
C HIS A 139 10.47 12.37 -5.60
N LEU A 140 11.50 13.20 -5.43
CA LEU A 140 12.63 12.87 -4.56
C LEU A 140 12.70 13.86 -3.39
N HIS A 141 12.84 13.35 -2.18
CA HIS A 141 13.15 14.24 -1.05
C HIS A 141 14.06 13.57 -0.02
N PRO A 142 14.83 14.36 0.73
CA PRO A 142 15.74 13.75 1.70
C PRO A 142 15.03 13.28 2.96
N MET A 143 15.55 12.16 3.45
CA MET A 143 15.31 11.67 4.80
CA MET A 143 15.32 11.62 4.79
C MET A 143 16.66 11.76 5.50
N GLY A 144 16.91 12.86 6.20
CA GLY A 144 18.22 13.05 6.78
C GLY A 144 19.29 13.18 5.71
N ASP A 145 20.51 13.37 6.19
CA ASP A 145 21.61 13.80 5.37
C ASP A 145 22.11 12.77 4.37
N ASN A 146 21.80 11.49 4.60
CA ASN A 146 22.42 10.44 3.79
C ASN A 146 21.40 9.63 3.00
N ASP A 147 20.13 10.03 3.00
CA ASP A 147 19.12 9.17 2.38
C ASP A 147 18.12 10.01 1.58
N LEU A 148 17.82 9.55 0.36
CA LEU A 148 16.75 10.14 -0.43
C LEU A 148 15.68 9.08 -0.59
N ASP A 149 14.43 9.51 -0.55
CA ASP A 149 13.27 8.68 -0.86
C ASP A 149 12.72 9.15 -2.20
N GLY A 150 12.40 8.18 -3.04
CA GLY A 150 11.81 8.43 -4.35
C GLY A 150 10.47 7.70 -4.43
N SER A 151 9.55 8.30 -5.17
CA SER A 151 8.29 7.63 -5.50
C SER A 151 7.81 8.09 -6.88
N PHE A 152 7.29 7.12 -7.62
CA PHE A 152 6.62 7.43 -8.88
C PHE A 152 5.62 6.36 -9.29
N THR A 153 4.62 6.78 -10.04
CA THR A 153 3.80 5.86 -10.85
C THR A 153 4.39 5.68 -12.23
N ARG A 154 4.31 4.44 -12.73
CA ARG A 154 4.90 4.14 -14.03
C ARG A 154 3.84 3.37 -14.80
N THR A 155 3.65 3.72 -16.06
CA THR A 155 2.77 2.93 -16.91
C THR A 155 3.48 2.36 -18.14
N PHE A 156 2.92 1.26 -18.64
CA PHE A 156 3.28 0.72 -19.97
C PHE A 156 2.06 0.87 -20.88
N SER A 157 2.29 1.14 -22.16
CA SER A 157 1.21 1.14 -23.14
C SER A 157 1.03 -0.25 -23.74
N LEU A 158 -0.23 -0.57 -24.02
CA LEU A 158 -0.57 -1.91 -24.50
C LEU A 158 -1.00 -1.86 -25.97
N ARG A 159 -0.82 -2.98 -26.66
CA ARG A 159 -1.04 -3.08 -28.09
C ARG A 159 -2.40 -2.57 -28.54
N ASP A 160 -3.46 -2.97 -27.84
CA ASP A 160 -4.78 -2.57 -28.30
CA ASP A 160 -4.80 -2.61 -28.24
C ASP A 160 -5.30 -1.36 -27.53
N GLY A 161 -4.37 -0.54 -27.06
CA GLY A 161 -4.70 0.69 -26.35
C GLY A 161 -4.78 0.51 -24.84
N GLY A 162 -4.77 1.58 -24.07
CA GLY A 162 -4.75 1.34 -22.62
C GLY A 162 -3.42 0.96 -22.00
N TYR A 163 -3.44 0.73 -20.68
CA TYR A 163 -2.22 0.86 -19.88
C TYR A 163 -2.10 -0.30 -18.88
N TYR A 164 -0.87 -0.64 -18.50
CA TYR A 164 -0.58 -1.48 -17.34
C TYR A 164 0.29 -0.64 -16.41
N SER A 165 -0.08 -0.60 -15.13
CA SER A 165 0.49 0.37 -14.20
CA SER A 165 0.46 0.36 -14.19
C SER A 165 1.19 -0.27 -13.00
N SER A 166 2.09 0.51 -12.40
CA SER A 166 2.82 0.11 -11.20
C SER A 166 3.12 1.37 -10.40
N VAL A 167 3.42 1.15 -9.12
CA VAL A 167 3.87 2.21 -8.23
CA VAL A 167 3.86 2.22 -8.23
C VAL A 167 5.24 1.81 -7.71
N VAL A 168 6.15 2.78 -7.71
CA VAL A 168 7.54 2.41 -7.42
C VAL A 168 7.96 3.27 -6.24
N ASP A 169 8.55 2.63 -5.23
CA ASP A 169 9.12 3.38 -4.11
C ASP A 169 10.57 3.00 -3.95
N SER A 170 11.40 4.02 -3.86
CA SER A 170 12.83 3.79 -3.83
C SER A 170 13.48 4.44 -2.61
N HIS A 171 14.59 3.84 -2.20
CA HIS A 171 15.40 4.25 -1.06
CA HIS A 171 15.38 4.41 -1.13
C HIS A 171 16.83 4.39 -1.59
N MET A 172 17.40 5.60 -1.66
CA MET A 172 18.81 5.75 -2.03
C MET A 172 19.59 6.12 -0.79
N HIS A 173 20.61 5.33 -0.48
CA HIS A 173 21.44 5.54 0.68
C HIS A 173 22.86 5.93 0.27
N PHE A 174 23.33 7.07 0.78
CA PHE A 174 24.60 7.64 0.38
C PHE A 174 25.63 7.39 1.48
N LYS A 175 26.87 7.08 1.09
CA LYS A 175 27.89 6.87 2.11
CA LYS A 175 27.92 6.87 2.08
C LYS A 175 28.22 8.14 2.88
N SER A 176 28.28 9.26 2.16
CA SER A 176 28.45 10.54 2.82
CA SER A 176 28.49 10.58 2.74
C SER A 176 27.24 11.44 2.56
N ALA A 177 27.21 12.60 3.20
CA ALA A 177 26.05 13.46 3.04
C ALA A 177 25.81 13.79 1.58
N ILE A 178 24.51 13.83 1.25
CA ILE A 178 24.02 14.27 -0.05
C ILE A 178 24.48 15.69 -0.39
N HIS A 179 24.69 15.98 -1.67
CA HIS A 179 25.18 17.30 -2.08
C HIS A 179 24.32 18.39 -1.49
N PRO A 180 24.95 19.46 -0.97
CA PRO A 180 24.22 20.47 -0.22
C PRO A 180 23.14 21.13 -1.07
N SER A 181 23.33 21.22 -2.38
CA SER A 181 22.29 21.84 -3.22
C SER A 181 20.96 21.10 -3.18
N ILE A 182 21.03 19.80 -2.90
CA ILE A 182 19.85 18.95 -2.79
C ILE A 182 19.32 18.98 -1.37
N LEU A 183 20.21 18.84 -0.39
CA LEU A 183 19.77 18.95 1.01
C LEU A 183 19.25 20.33 1.43
N GLN A 184 19.74 21.40 0.83
CA GLN A 184 19.31 22.77 1.12
C GLN A 184 18.12 23.29 0.33
N ASN A 185 17.47 22.40 -0.42
CA ASN A 185 16.43 22.81 -1.36
C ASN A 185 15.11 23.20 -0.68
N GLY A 186 14.87 22.72 0.54
CA GLY A 186 13.62 23.01 1.21
C GLY A 186 12.35 22.41 0.63
N GLY A 187 12.50 21.35 -0.17
CA GLY A 187 11.34 20.74 -0.79
C GLY A 187 11.87 19.75 -1.81
N PRO A 188 10.95 19.06 -2.50
CA PRO A 188 11.39 17.98 -3.38
C PRO A 188 12.09 18.49 -4.63
N MET A 189 12.82 17.55 -5.24
CA MET A 189 13.27 17.67 -6.61
CA MET A 189 13.25 17.68 -6.61
C MET A 189 12.47 16.66 -7.42
N PHE A 190 12.21 16.99 -8.68
CA PHE A 190 11.44 16.10 -9.55
C PHE A 190 12.35 15.57 -10.62
N ALA A 191 12.22 14.30 -10.98
CA ALA A 191 13.13 13.72 -11.98
C ALA A 191 12.24 13.19 -13.09
N PHE A 192 12.24 13.87 -14.25
CA PHE A 192 11.51 13.42 -15.42
C PHE A 192 12.40 12.40 -16.15
N ARG A 193 11.81 11.26 -16.50
CA ARG A 193 12.55 10.26 -17.28
C ARG A 193 11.70 9.73 -18.43
N ARG A 194 12.36 9.51 -19.56
CA ARG A 194 11.69 8.72 -20.58
C ARG A 194 12.71 7.90 -21.33
N VAL A 195 12.18 6.90 -22.00
CA VAL A 195 13.04 5.92 -22.65
C VAL A 195 12.61 5.65 -24.09
N GLU A 196 13.58 5.32 -24.92
CA GLU A 196 13.32 4.82 -26.29
C GLU A 196 13.80 3.36 -26.24
N GLU A 197 12.93 2.39 -26.52
CA GLU A 197 13.24 0.97 -26.31
C GLU A 197 13.27 0.23 -27.64
N ASP A 198 14.23 -0.67 -27.77
CA ASP A 198 14.31 -1.52 -28.94
C ASP A 198 14.70 -2.91 -28.45
N HIS A 199 13.68 -3.70 -28.13
CA HIS A 199 13.86 -4.99 -27.46
C HIS A 199 13.39 -6.20 -28.27
N SER A 200 14.10 -7.30 -28.10
CA SER A 200 13.59 -8.62 -28.47
C SER A 200 13.63 -9.43 -27.18
N ASN A 201 13.26 -10.71 -27.22
CA ASN A 201 13.37 -11.47 -25.98
CA ASN A 201 13.36 -11.55 -26.03
C ASN A 201 14.79 -11.92 -25.63
N THR A 202 15.77 -11.61 -26.48
CA THR A 202 17.14 -11.96 -26.15
C THR A 202 18.09 -10.77 -26.12
N GLU A 203 17.69 -9.67 -26.75
CA GLU A 203 18.59 -8.51 -26.85
C GLU A 203 17.79 -7.27 -26.59
N LEU A 204 18.25 -6.51 -25.60
CA LEU A 204 17.44 -5.37 -25.12
C LEU A 204 18.24 -4.10 -25.37
N GLY A 205 17.58 -2.98 -25.64
CA GLY A 205 18.34 -1.75 -25.81
C GLY A 205 17.50 -0.55 -25.44
N ILE A 206 18.14 0.38 -24.76
CA ILE A 206 17.46 1.61 -24.40
C ILE A 206 18.31 2.83 -24.73
N VAL A 207 17.64 3.94 -25.00
CA VAL A 207 18.20 5.27 -24.87
C VAL A 207 17.32 5.92 -23.79
N GLU A 208 17.93 6.52 -22.77
CA GLU A 208 17.12 7.12 -21.71
C GLU A 208 17.52 8.58 -21.57
N TYR A 209 16.51 9.43 -21.38
CA TYR A 209 16.77 10.82 -21.04
C TYR A 209 16.25 11.07 -19.63
N GLN A 210 17.03 11.83 -18.86
CA GLN A 210 16.66 12.15 -17.49
C GLN A 210 16.95 13.62 -17.23
N HIS A 211 15.92 14.33 -16.76
CA HIS A 211 16.00 15.78 -16.53
C HIS A 211 15.30 16.09 -15.21
N ALA A 212 16.06 16.59 -14.25
CA ALA A 212 15.50 16.92 -12.94
C ALA A 212 15.18 18.40 -12.91
N PHE A 213 14.18 18.77 -12.12
CA PHE A 213 13.73 20.16 -12.07
C PHE A 213 13.05 20.44 -10.73
N LYS A 214 13.02 21.71 -10.35
CA LYS A 214 12.24 22.16 -9.21
C LYS A 214 10.85 22.58 -9.71
N THR A 215 10.83 23.26 -10.84
CA THR A 215 9.60 23.58 -11.56
C THR A 215 9.74 23.36 -13.06
N PRO A 216 8.65 22.97 -13.74
CA PRO A 216 8.75 22.65 -15.16
C PRO A 216 8.76 23.87 -16.08
N LEU B 1 -10.31 35.72 -20.75
CA LEU B 1 -11.63 35.63 -20.06
C LEU B 1 -11.50 36.30 -18.70
N PRO B 2 -12.61 36.85 -18.18
CA PRO B 2 -12.60 37.33 -16.80
C PRO B 2 -12.44 36.12 -15.89
N ALA B 3 -11.86 36.33 -14.71
CA ALA B 3 -11.67 35.21 -13.82
C ALA B 3 -13.03 34.60 -13.51
N MET B 4 -13.03 33.29 -13.32
CA MET B 4 -14.22 32.58 -12.91
C MET B 4 -14.29 32.76 -11.40
N GLU B 5 -15.49 32.98 -10.89
CA GLU B 5 -15.70 33.04 -9.46
C GLU B 5 -15.73 31.61 -8.92
N ILE B 6 -15.20 31.48 -7.71
CA ILE B 6 -15.21 30.21 -6.99
C ILE B 6 -15.90 30.39 -5.64
N GLU B 7 -16.76 29.43 -5.30
CA GLU B 7 -17.43 29.34 -3.99
C GLU B 7 -17.12 27.93 -3.51
N CYS B 8 -16.93 27.76 -2.21
CA CYS B 8 -16.42 26.50 -1.70
C CYS B 8 -16.95 26.28 -0.30
N ARG B 9 -17.39 25.05 -0.04
CA ARG B 9 -17.72 24.59 1.29
C ARG B 9 -17.00 23.28 1.50
N ILE B 10 -16.34 23.19 2.66
CA ILE B 10 -15.68 21.96 3.06
C ILE B 10 -16.31 21.52 4.37
N THR B 11 -16.83 20.30 4.41
CA THR B 11 -17.41 19.79 5.65
C THR B 11 -16.74 18.46 5.91
N GLY B 12 -16.52 18.17 7.19
CA GLY B 12 -15.88 16.90 7.45
C GLY B 12 -15.71 16.58 8.93
N THR B 13 -14.95 15.51 9.17
CA THR B 13 -14.57 15.07 10.50
C THR B 13 -13.11 14.63 10.44
N LEU B 14 -12.37 14.97 11.49
CA LEU B 14 -11.03 14.45 11.69
C LEU B 14 -10.92 13.80 13.06
N ASN B 15 -10.63 12.50 13.04
CA ASN B 15 -10.71 11.67 14.24
C ASN B 15 -11.99 11.96 15.03
N GLY B 16 -13.11 12.14 14.32
CA GLY B 16 -14.42 12.33 14.97
C GLY B 16 -14.84 13.77 15.22
N VAL B 17 -13.88 14.69 15.15
CA VAL B 17 -14.15 16.09 15.46
C VAL B 17 -14.67 16.77 14.19
N GLU B 18 -15.88 17.30 14.24
CA GLU B 18 -16.49 17.97 13.10
C GLU B 18 -15.86 19.33 12.82
N PHE B 19 -15.72 19.61 11.53
CA PHE B 19 -15.27 20.91 11.07
C PHE B 19 -16.03 21.29 9.82
N GLU B 20 -16.10 22.60 9.58
CA GLU B 20 -16.72 23.09 8.37
C GLU B 20 -16.08 24.43 8.05
N LEU B 21 -15.82 24.67 6.77
CA LEU B 21 -15.25 25.95 6.36
C LEU B 21 -16.04 26.39 5.14
N VAL B 22 -16.18 27.71 4.95
CA VAL B 22 -16.91 28.20 3.79
C VAL B 22 -16.12 29.40 3.31
N GLY B 23 -16.15 29.62 1.99
CA GLY B 23 -15.45 30.76 1.45
C GLY B 23 -15.46 30.68 -0.05
N GLY B 24 -14.42 31.27 -0.60
CA GLY B 24 -14.25 31.31 -2.05
C GLY B 24 -13.13 32.22 -2.51
N GLY B 25 -13.18 32.47 -3.81
CA GLY B 25 -12.10 33.19 -4.48
C GLY B 25 -12.40 33.33 -5.95
N GLU B 26 -11.34 33.23 -6.74
CA GLU B 26 -11.56 33.21 -8.19
C GLU B 26 -10.32 32.62 -8.82
N GLY B 27 -10.46 32.36 -10.12
CA GLY B 27 -9.36 31.69 -10.82
C GLY B 27 -9.36 32.04 -12.29
N THR B 28 -8.20 31.92 -12.93
CA THR B 28 -8.10 32.23 -14.36
C THR B 28 -7.40 31.01 -14.97
N PRO B 29 -8.16 30.10 -15.60
CA PRO B 29 -7.50 28.89 -16.13
C PRO B 29 -6.32 29.14 -17.08
N GLU B 30 -6.38 30.18 -17.90
CA GLU B 30 -5.29 30.42 -18.84
C GLU B 30 -3.99 30.80 -18.14
N GLN B 31 -4.07 31.31 -16.91
CA GLN B 31 -2.90 31.60 -16.06
C GLN B 31 -2.54 30.43 -15.14
N GLY B 32 -3.40 29.43 -15.02
CA GLY B 32 -3.14 28.33 -14.12
C GLY B 32 -3.23 28.79 -12.67
N ARG B 33 -4.01 29.83 -12.39
CA ARG B 33 -3.95 30.41 -11.05
C ARG B 33 -5.34 30.45 -10.41
N MET B 34 -5.41 30.18 -9.11
CA MET B 34 -6.65 30.47 -8.40
CA MET B 34 -6.65 30.41 -8.39
C MET B 34 -6.36 30.85 -6.97
N THR B 35 -7.35 31.50 -6.35
CA THR B 35 -7.29 31.89 -4.95
C THR B 35 -8.48 31.29 -4.21
N ASN B 36 -8.35 31.05 -2.91
CA ASN B 36 -9.52 30.60 -2.15
C ASN B 36 -9.18 31.04 -0.73
N LYS B 37 -10.12 31.74 -0.10
CA LYS B 37 -10.00 32.12 1.31
C LYS B 37 -11.24 31.60 1.98
N MET B 38 -11.08 30.90 3.10
CA MET B 38 -12.22 30.32 3.79
C MET B 38 -12.14 30.45 5.30
N LYS B 39 -13.30 30.43 5.95
CA LYS B 39 -13.39 30.60 7.39
C LYS B 39 -14.11 29.41 7.96
N SER B 40 -13.59 28.93 9.08
CA SER B 40 -14.25 27.91 9.88
C SER B 40 -15.53 28.42 10.53
N THR B 41 -16.56 27.58 10.53
CA THR B 41 -17.85 27.96 11.09
C THR B 41 -18.05 27.26 12.42
N LYS B 42 -17.12 26.37 12.77
CA LYS B 42 -17.21 25.62 14.02
C LYS B 42 -16.05 25.93 14.97
N GLY B 43 -15.59 27.17 14.94
CA GLY B 43 -14.50 27.64 15.77
C GLY B 43 -13.13 27.16 15.30
N ALA B 44 -12.14 27.24 16.18
CA ALA B 44 -10.79 26.90 15.71
C ALA B 44 -10.60 25.42 15.37
N LEU B 45 -9.92 25.15 14.26
CA LEU B 45 -9.63 23.77 13.86
C LEU B 45 -8.81 23.06 14.93
N THR B 46 -9.10 21.78 15.16
CA THR B 46 -8.33 20.95 16.07
C THR B 46 -7.05 20.32 15.51
N PHE B 47 -6.71 20.64 14.26
CA PHE B 47 -5.56 20.08 13.57
C PHE B 47 -5.01 21.17 12.66
N SER B 48 -3.81 20.92 12.14
CA SER B 48 -3.10 21.87 11.29
C SER B 48 -3.93 22.29 10.08
N PRO B 49 -4.11 23.62 9.89
CA PRO B 49 -4.87 24.06 8.72
C PRO B 49 -4.18 23.66 7.41
N TYR B 50 -2.87 23.44 7.43
CA TYR B 50 -2.14 23.03 6.23
C TYR B 50 -2.67 21.74 5.61
N LEU B 51 -3.27 20.91 6.46
CA LEU B 51 -3.86 19.66 6.02
C LEU B 51 -5.01 19.90 5.04
N LEU B 52 -5.56 21.10 5.02
CA LEU B 52 -6.70 21.38 4.15
C LEU B 52 -6.33 22.17 2.90
N SER B 53 -5.07 22.56 2.74
CA SER B 53 -4.71 23.38 1.59
C SER B 53 -5.03 22.71 0.26
N HIS B 54 -4.73 21.40 0.15
CA HIS B 54 -5.04 20.67 -1.07
C HIS B 54 -6.52 20.24 -1.17
N VAL B 55 -7.35 20.55 -0.19
CA VAL B 55 -8.81 20.36 -0.32
C VAL B 55 -9.39 21.68 -0.82
N MET B 56 -8.88 22.79 -0.32
CA MET B 56 -9.31 24.11 -0.77
C MET B 56 -8.97 24.35 -2.26
N1 CR2 B 57 -7.92 23.73 -2.81
CA1 CR2 B 57 -7.48 23.91 -4.19
C1 CR2 B 57 -7.21 22.49 -4.57
N2 CR2 B 57 -5.95 21.99 -4.58
N3 CR2 B 57 -8.14 21.56 -4.88
C2 CR2 B 57 -7.45 20.41 -5.09
O2 CR2 B 57 -8.02 19.30 -5.40
CA2 CR2 B 57 -6.09 20.69 -4.92
CA3 CR2 B 57 -9.51 21.69 -4.93
C3 CR2 B 57 -10.31 21.94 -6.20
O3 CR2 B 57 -11.44 21.47 -6.24
CB2 CR2 B 57 -5.07 19.70 -5.06
CG2 CR2 B 57 -3.67 19.89 -4.90
CD1 CR2 B 57 -3.07 21.11 -4.54
CD2 CR2 B 57 -2.89 18.76 -5.11
CE1 CR2 B 57 -1.68 21.17 -4.39
CE2 CR2 B 57 -1.50 18.84 -4.96
CZ CR2 B 57 -0.88 20.04 -4.60
OH CR2 B 57 0.49 20.02 -4.46
N PHE B 58 -9.66 22.50 -7.22
CA PHE B 58 -10.40 22.91 -8.42
C PHE B 58 -9.40 22.76 -9.57
N TYR B 59 -9.35 21.57 -10.15
CA TYR B 59 -8.42 21.27 -11.22
C TYR B 59 -8.75 22.02 -12.50
N HIS B 60 -9.92 22.65 -12.54
CA HIS B 60 -10.27 23.47 -13.71
C HIS B 60 -9.26 24.57 -14.01
N PHE B 61 -8.55 25.01 -12.98
CA PHE B 61 -7.68 26.19 -13.07
C PHE B 61 -6.21 25.86 -13.32
N GLY B 62 -5.97 24.93 -14.20
CA GLY B 62 -4.59 24.61 -14.56
C GLY B 62 -4.40 24.85 -16.04
N THR B 63 -3.19 25.29 -16.37
CA THR B 63 -2.84 25.39 -17.79
C THR B 63 -2.49 23.99 -18.33
N TYR B 64 -2.78 23.78 -19.61
CA TYR B 64 -2.40 22.57 -20.33
C TYR B 64 -1.54 22.98 -21.52
N PRO B 65 -0.62 22.08 -21.94
CA PRO B 65 0.29 22.40 -23.05
C PRO B 65 -0.42 22.61 -24.38
N SER B 66 0.24 23.31 -25.30
CA SER B 66 -0.36 23.54 -26.61
C SER B 66 -0.68 22.18 -27.24
N GLY B 67 -1.82 22.09 -27.91
CA GLY B 67 -2.30 20.84 -28.50
C GLY B 67 -3.17 20.01 -27.55
N TYR B 68 -3.25 20.40 -26.29
CA TYR B 68 -4.09 19.70 -25.29
C TYR B 68 -5.07 20.67 -24.64
N GLU B 69 -6.11 20.10 -24.04
CA GLU B 69 -7.10 20.90 -23.32
C GLU B 69 -7.23 20.32 -21.92
N ASN B 70 -7.35 21.20 -20.92
CA ASN B 70 -7.64 20.79 -19.55
C ASN B 70 -9.00 20.03 -19.55
N PRO B 71 -9.00 18.72 -19.22
CA PRO B 71 -10.23 17.96 -19.31
C PRO B 71 -11.29 18.33 -18.26
N PHE B 72 -10.81 18.90 -17.16
CA PHE B 72 -11.67 19.31 -16.05
C PHE B 72 -12.46 20.54 -16.45
N LEU B 73 -11.75 21.50 -17.05
CA LEU B 73 -12.36 22.70 -17.61
C LEU B 73 -13.34 22.32 -18.74
N HIS B 74 -12.93 21.40 -19.60
CA HIS B 74 -13.75 20.95 -20.74
C HIS B 74 -15.04 20.29 -20.23
N ALA B 75 -14.97 19.61 -19.09
CA ALA B 75 -16.14 18.88 -18.61
C ALA B 75 -17.28 19.81 -18.17
N ILE B 76 -17.01 21.09 -17.96
CA ILE B 76 -18.01 21.97 -17.37
C ILE B 76 -19.30 21.96 -18.19
N ASN B 77 -19.13 22.02 -19.51
CA ASN B 77 -20.31 22.12 -20.35
C ASN B 77 -20.85 20.77 -20.83
N ASN B 78 -20.26 19.67 -20.34
CA ASN B 78 -20.71 18.37 -20.80
C ASN B 78 -20.95 17.34 -19.69
N GLY B 79 -21.46 17.81 -18.55
CA GLY B 79 -21.88 16.89 -17.51
C GLY B 79 -20.92 16.82 -16.34
N GLY B 80 -19.71 17.35 -16.49
CA GLY B 80 -18.86 17.45 -15.31
C GLY B 80 -18.11 16.19 -14.94
N TYR B 81 -17.49 16.23 -13.76
CA TYR B 81 -16.75 15.10 -13.18
C TYR B 81 -16.83 15.15 -11.65
N THR B 82 -16.52 14.00 -11.06
CA THR B 82 -16.28 13.89 -9.63
C THR B 82 -14.82 13.54 -9.40
N ASN B 83 -14.28 13.91 -8.24
CA ASN B 83 -12.95 13.46 -7.82
C ASN B 83 -13.11 12.87 -6.42
N THR B 84 -12.43 11.74 -6.22
CA THR B 84 -12.39 11.10 -4.90
C THR B 84 -10.93 10.74 -4.69
N ARG B 85 -10.38 11.13 -3.54
CA ARG B 85 -8.97 10.90 -3.22
C ARG B 85 -8.85 10.12 -1.92
N ILE B 86 -7.87 9.23 -1.90
CA ILE B 86 -7.49 8.56 -0.66
C ILE B 86 -6.05 8.96 -0.41
N GLU B 87 -5.78 9.55 0.76
CA GLU B 87 -4.45 10.08 1.10
C GLU B 87 -3.98 9.31 2.32
N LYS B 88 -2.82 8.68 2.20
CA LYS B 88 -2.23 7.89 3.28
C LYS B 88 -1.00 8.62 3.80
N TYR B 89 -1.02 9.01 5.07
CA TYR B 89 0.07 9.79 5.68
C TYR B 89 1.07 8.85 6.34
N GLU B 90 2.32 9.28 6.45
CA GLU B 90 3.38 8.40 6.91
C GLU B 90 3.24 7.91 8.36
N ASP B 91 2.48 8.62 9.18
CA ASP B 91 2.19 8.17 10.54
C ASP B 91 0.93 7.29 10.68
N GLY B 92 0.34 6.90 9.56
CA GLY B 92 -0.85 6.05 9.50
C GLY B 92 -2.21 6.71 9.34
N GLY B 93 -2.25 8.05 9.43
CA GLY B 93 -3.52 8.73 9.22
C GLY B 93 -3.97 8.57 7.79
N VAL B 94 -5.28 8.60 7.59
CA VAL B 94 -5.89 8.52 6.26
C VAL B 94 -6.87 9.65 6.10
N LEU B 95 -6.79 10.33 4.96
CA LEU B 95 -7.88 11.21 4.52
C LEU B 95 -8.59 10.64 3.31
N HIS B 96 -9.92 10.63 3.37
CA HIS B 96 -10.76 10.33 2.22
C HIS B 96 -11.45 11.63 1.89
N VAL B 97 -11.33 12.09 0.64
CA VAL B 97 -11.91 13.38 0.28
C VAL B 97 -12.73 13.17 -1.00
N SER B 98 -13.97 13.65 -0.99
CA SER B 98 -14.73 13.67 -2.22
C SER B 98 -15.06 15.11 -2.60
N PHE B 99 -14.99 15.35 -3.91
CA PHE B 99 -15.17 16.67 -4.51
C PHE B 99 -16.39 16.57 -5.44
N SER B 100 -17.36 17.46 -5.24
CA SER B 100 -18.56 17.62 -6.06
C SER B 100 -18.60 19.08 -6.52
N TYR B 101 -19.03 19.33 -7.76
CA TYR B 101 -19.06 20.67 -8.34
C TYR B 101 -20.41 20.97 -8.97
N ARG B 102 -20.79 22.25 -8.96
CA ARG B 102 -21.92 22.79 -9.71
C ARG B 102 -21.43 24.03 -10.43
N TYR B 103 -21.89 24.30 -11.65
CA TYR B 103 -21.36 25.43 -12.42
C TYR B 103 -22.45 26.44 -12.76
N GLU B 104 -22.09 27.72 -12.85
CA GLU B 104 -22.94 28.76 -13.41
C GLU B 104 -22.10 29.51 -14.44
N ALA B 105 -22.72 30.35 -15.27
CA ALA B 105 -21.94 31.24 -16.11
C ALA B 105 -20.94 31.94 -15.19
N GLY B 106 -19.66 31.88 -15.54
CA GLY B 106 -18.59 32.47 -14.74
C GLY B 106 -18.38 32.03 -13.30
N ARG B 107 -18.92 30.88 -12.88
CA ARG B 107 -18.76 30.46 -11.50
C ARG B 107 -18.68 28.94 -11.32
N VAL B 108 -17.80 28.51 -10.42
CA VAL B 108 -17.80 27.11 -9.99
C VAL B 108 -18.01 27.07 -8.47
N ILE B 109 -18.89 26.17 -8.04
CA ILE B 109 -19.26 26.00 -6.64
C ILE B 109 -18.85 24.60 -6.23
N GLY B 110 -17.94 24.52 -5.26
CA GLY B 110 -17.40 23.21 -4.86
C GLY B 110 -17.95 22.86 -3.49
N ASP B 111 -18.45 21.64 -3.32
CA ASP B 111 -18.95 21.16 -2.02
C ASP B 111 -18.16 19.89 -1.73
N PHE B 112 -17.26 19.99 -0.75
CA PHE B 112 -16.29 18.91 -0.54
C PHE B 112 -16.43 18.22 0.82
N LYS B 113 -16.24 16.91 0.82
CA LYS B 113 -16.46 16.15 2.04
C LYS B 113 -15.18 15.45 2.45
N VAL B 114 -14.76 15.65 3.69
CA VAL B 114 -13.51 15.08 4.19
C VAL B 114 -13.75 14.16 5.37
N MET B 115 -13.17 12.96 5.29
CA MET B 115 -13.13 12.09 6.47
C MET B 115 -11.70 11.68 6.78
N GLY B 116 -11.20 12.19 7.90
CA GLY B 116 -9.84 11.88 8.35
C GLY B 116 -9.97 10.98 9.56
N THR B 117 -9.21 9.90 9.54
CA THR B 117 -9.21 8.93 10.63
C THR B 117 -7.82 8.30 10.82
N GLY B 118 -7.64 7.70 12.01
CA GLY B 118 -6.37 7.02 12.25
C GLY B 118 -5.12 7.83 12.52
N PHE B 119 -5.26 9.14 12.75
CA PHE B 119 -4.10 9.96 13.12
C PHE B 119 -3.80 9.77 14.60
N PRO B 120 -2.56 9.36 14.91
CA PRO B 120 -2.21 9.11 16.31
C PRO B 120 -2.14 10.40 17.11
N GLU B 121 -2.29 10.29 18.43
CA GLU B 121 -2.29 11.46 19.28
C GLU B 121 -1.03 12.31 19.10
N ASP B 122 0.10 11.64 18.87
CA ASP B 122 1.37 12.34 18.72
C ASP B 122 1.62 12.77 17.27
N SER B 123 0.62 12.72 16.41
CA SER B 123 0.80 13.15 15.01
C SER B 123 1.25 14.60 14.92
N VAL B 124 2.19 14.89 14.00
CA VAL B 124 2.47 16.26 13.63
C VAL B 124 1.24 17.10 13.28
N ILE B 125 0.15 16.50 12.80
CA ILE B 125 -1.05 17.31 12.52
C ILE B 125 -1.74 17.94 13.74
N PHE B 126 -1.43 17.48 14.95
CA PHE B 126 -2.06 18.05 16.13
C PHE B 126 -1.11 19.04 16.81
N THR B 127 -0.13 19.48 16.05
CA THR B 127 0.85 20.45 16.50
C THR B 127 0.85 21.61 15.50
N ASP B 128 1.72 22.58 15.76
CA ASP B 128 1.89 23.68 14.81
CA ASP B 128 1.94 23.72 14.88
C ASP B 128 3.20 23.50 14.05
N LYS B 129 3.68 22.25 13.96
CA LYS B 129 4.97 21.99 13.31
C LYS B 129 4.98 22.15 11.80
N ILE B 130 3.86 21.88 11.12
CA ILE B 130 3.83 22.08 9.68
C ILE B 130 3.85 23.57 9.35
N ILE B 131 4.77 23.95 8.46
CA ILE B 131 4.92 25.35 8.04
C ILE B 131 4.54 25.69 6.60
N ARG B 132 4.44 24.65 5.76
CA ARG B 132 3.98 24.84 4.40
C ARG B 132 3.77 23.47 3.77
N SER B 133 2.97 23.50 2.72
CA SER B 133 2.83 22.38 1.79
C SER B 133 3.84 22.56 0.66
N ASN B 134 4.57 21.50 0.31
CA ASN B 134 5.49 21.58 -0.82
C ASN B 134 4.88 21.25 -2.17
N ALA B 135 5.58 21.53 -3.27
CA ALA B 135 5.09 21.31 -4.63
C ALA B 135 4.96 19.80 -4.91
N THR B 136 4.09 19.48 -5.88
CA THR B 136 3.87 18.10 -6.30
C THR B 136 3.82 18.01 -7.81
N VAL B 137 4.07 16.80 -8.30
CA VAL B 137 3.74 16.50 -9.69
C VAL B 137 2.88 15.24 -9.74
N GLU B 138 1.63 15.43 -10.17
CA GLU B 138 0.67 14.32 -10.24
C GLU B 138 0.80 13.57 -11.58
N HIS B 139 0.77 12.24 -11.56
CA HIS B 139 0.71 11.43 -12.78
C HIS B 139 -0.75 11.14 -13.06
N LEU B 140 -1.23 11.56 -14.24
CA LEU B 140 -2.62 11.32 -14.63
C LEU B 140 -2.71 10.41 -15.83
N HIS B 141 -3.53 9.37 -15.78
CA HIS B 141 -3.73 8.59 -17.00
C HIS B 141 -5.14 8.00 -17.03
N PRO B 142 -5.69 7.84 -18.24
CA PRO B 142 -7.06 7.34 -18.32
C PRO B 142 -7.22 5.84 -18.14
N MET B 143 -8.37 5.44 -17.59
CA MET B 143 -8.86 4.08 -17.66
C MET B 143 -10.14 4.13 -18.49
N GLY B 144 -10.10 3.79 -19.77
CA GLY B 144 -11.28 4.02 -20.59
C GLY B 144 -11.64 5.49 -20.71
N ASP B 145 -12.73 5.71 -21.42
CA ASP B 145 -13.02 7.06 -21.92
C ASP B 145 -13.56 8.02 -20.89
N ASN B 146 -13.97 7.49 -19.73
CA ASN B 146 -14.69 8.30 -18.75
C ASN B 146 -14.02 8.36 -17.38
N ASP B 147 -12.82 7.80 -17.24
CA ASP B 147 -12.18 7.72 -15.93
C ASP B 147 -10.72 8.08 -16.03
N LEU B 148 -10.27 8.94 -15.11
CA LEU B 148 -8.83 9.21 -14.96
C LEU B 148 -8.35 8.78 -13.58
N ASP B 149 -7.14 8.24 -13.54
CA ASP B 149 -6.53 7.90 -12.26
C ASP B 149 -5.36 8.87 -12.07
N GLY B 150 -5.28 9.36 -10.85
CA GLY B 150 -4.18 10.24 -10.47
C GLY B 150 -3.39 9.66 -9.31
N SER B 151 -2.09 9.97 -9.28
CA SER B 151 -1.30 9.60 -8.11
CA SER B 151 -1.29 9.59 -8.11
C SER B 151 -0.15 10.59 -7.92
N PHE B 152 0.11 10.91 -6.66
CA PHE B 152 1.27 11.73 -6.34
C PHE B 152 1.71 11.48 -4.89
N THR B 153 3.00 11.70 -4.66
CA THR B 153 3.53 11.87 -3.31
C THR B 153 3.50 13.35 -2.95
N ARG B 154 3.13 13.68 -1.72
CA ARG B 154 3.07 15.07 -1.27
C ARG B 154 3.85 15.18 0.04
N THR B 155 4.59 16.27 0.19
CA THR B 155 5.22 16.47 1.48
C THR B 155 4.83 17.83 2.04
N PHE B 156 4.86 17.90 3.36
CA PHE B 156 4.86 19.15 4.11
C PHE B 156 6.24 19.37 4.70
N SER B 157 6.65 20.64 4.81
CA SER B 157 7.87 21.00 5.52
C SER B 157 7.50 21.35 6.96
N LEU B 158 8.38 20.91 7.87
CA LEU B 158 8.20 21.12 9.30
C LEU B 158 9.09 22.23 9.81
N ARG B 159 8.64 22.92 10.85
CA ARG B 159 9.37 24.04 11.40
C ARG B 159 10.82 23.64 11.61
N ASP B 160 11.03 22.43 12.12
CA ASP B 160 12.36 21.97 12.51
C ASP B 160 13.26 21.54 11.34
N GLY B 161 12.77 21.61 10.12
CA GLY B 161 13.62 21.27 8.96
C GLY B 161 13.25 19.96 8.29
N GLY B 162 12.44 19.17 8.97
CA GLY B 162 12.03 17.87 8.43
C GLY B 162 10.84 17.92 7.50
N TYR B 163 10.37 16.72 7.14
CA TYR B 163 9.26 16.55 6.22
C TYR B 163 8.20 15.64 6.83
N TYR B 164 6.96 15.85 6.40
CA TYR B 164 5.88 14.91 6.73
C TYR B 164 5.26 14.56 5.38
N SER B 165 5.21 13.27 5.10
CA SER B 165 4.86 12.84 3.76
C SER B 165 3.55 12.04 3.71
N SER B 166 2.99 12.02 2.50
CA SER B 166 1.80 11.23 2.20
C SER B 166 1.85 10.77 0.75
N VAL B 167 1.06 9.75 0.47
CA VAL B 167 0.80 9.31 -0.89
CA VAL B 167 0.81 9.36 -0.90
C VAL B 167 -0.68 9.49 -1.18
N VAL B 168 -0.99 10.03 -2.36
CA VAL B 168 -2.36 10.41 -2.72
C VAL B 168 -2.74 9.63 -3.96
N ASP B 169 -3.91 8.99 -3.93
CA ASP B 169 -4.44 8.33 -5.11
C ASP B 169 -5.85 8.85 -5.34
N SER B 170 -6.10 9.22 -6.59
CA SER B 170 -7.33 9.88 -6.98
CA SER B 170 -7.35 9.86 -6.95
C SER B 170 -8.03 9.18 -8.13
N HIS B 171 -9.35 9.20 -8.09
CA HIS B 171 -10.13 8.72 -9.20
C HIS B 171 -11.13 9.78 -9.59
N MET B 172 -11.07 10.16 -10.86
CA MET B 172 -11.98 11.12 -11.47
C MET B 172 -12.92 10.44 -12.46
N HIS B 173 -14.22 10.64 -12.28
CA HIS B 173 -15.21 9.99 -13.12
C HIS B 173 -15.96 11.09 -13.86
N PHE B 174 -15.97 10.99 -15.19
CA PHE B 174 -16.54 12.04 -16.05
C PHE B 174 -17.86 11.54 -16.60
N LYS B 175 -18.84 12.43 -16.58
CA LYS B 175 -20.16 12.11 -17.13
C LYS B 175 -20.13 11.82 -18.64
N SER B 176 -19.34 12.60 -19.36
CA SER B 176 -19.13 12.43 -20.81
C SER B 176 -17.68 12.05 -21.06
N ALA B 177 -17.37 11.64 -22.29
CA ALA B 177 -16.01 11.25 -22.63
C ALA B 177 -15.03 12.37 -22.25
N ILE B 178 -13.90 11.98 -21.69
CA ILE B 178 -12.79 12.90 -21.41
C ILE B 178 -12.32 13.54 -22.70
N HIS B 179 -11.93 14.81 -22.64
CA HIS B 179 -11.40 15.49 -23.81
C HIS B 179 -10.43 14.59 -24.57
N PRO B 180 -10.56 14.54 -25.91
CA PRO B 180 -9.78 13.55 -26.64
C PRO B 180 -8.26 13.74 -26.59
N SER B 181 -7.76 14.93 -26.27
CA SER B 181 -6.31 15.10 -26.16
C SER B 181 -5.69 14.23 -25.06
N ILE B 182 -6.51 13.74 -24.12
CA ILE B 182 -6.06 12.89 -23.02
C ILE B 182 -6.09 11.40 -23.40
N LEU B 183 -6.79 11.05 -24.47
CA LEU B 183 -7.13 9.65 -24.82
C LEU B 183 -6.45 9.03 -26.04
N GLN B 184 -5.33 9.58 -26.49
CA GLN B 184 -4.67 9.07 -27.69
C GLN B 184 -3.57 8.02 -27.48
N ASN B 185 -3.54 7.43 -26.28
CA ASN B 185 -2.58 6.36 -25.96
C ASN B 185 -1.11 6.78 -26.04
N GLY B 186 -0.81 8.03 -25.71
CA GLY B 186 0.55 8.53 -25.80
C GLY B 186 1.28 8.63 -24.46
N GLY B 187 0.64 8.11 -23.42
CA GLY B 187 1.21 8.17 -22.08
C GLY B 187 0.50 9.19 -21.19
N PRO B 188 1.00 9.33 -19.95
CA PRO B 188 0.33 10.14 -18.93
C PRO B 188 0.46 11.63 -19.22
N MET B 189 -0.38 12.43 -18.54
CA MET B 189 -0.14 13.86 -18.43
C MET B 189 0.38 14.10 -17.01
N PHE B 190 1.32 15.04 -16.84
CA PHE B 190 1.81 15.43 -15.54
C PHE B 190 1.21 16.76 -15.13
N ALA B 191 0.91 16.93 -13.84
CA ALA B 191 0.34 18.18 -13.37
C ALA B 191 1.18 18.65 -12.20
N PHE B 192 1.93 19.71 -12.46
CA PHE B 192 2.70 20.36 -11.41
C PHE B 192 1.81 21.31 -10.62
N ARG B 193 1.85 21.24 -9.30
CA ARG B 193 1.10 22.22 -8.50
C ARG B 193 1.94 22.74 -7.33
N ARG B 194 1.72 24.01 -7.01
CA ARG B 194 2.33 24.59 -5.83
C ARG B 194 1.33 25.55 -5.22
N VAL B 195 1.48 25.72 -3.92
CA VAL B 195 0.56 26.64 -3.22
C VAL B 195 1.33 27.66 -2.39
N GLU B 196 0.74 28.83 -2.18
CA GLU B 196 1.23 29.82 -1.22
C GLU B 196 0.11 29.90 -0.18
N GLU B 197 0.43 29.60 1.08
CA GLU B 197 -0.57 29.46 2.14
C GLU B 197 -0.48 30.60 3.14
N ASP B 198 -1.65 31.08 3.59
CA ASP B 198 -1.69 32.12 4.61
C ASP B 198 -2.81 31.70 5.54
N HIS B 199 -2.43 30.86 6.51
CA HIS B 199 -3.44 30.24 7.37
C HIS B 199 -3.38 30.64 8.83
N SER B 200 -4.53 30.68 9.49
CA SER B 200 -4.59 30.57 10.94
C SER B 200 -5.49 29.38 11.30
N ASN B 201 -5.79 29.18 12.59
CA ASN B 201 -6.67 28.05 12.88
CA ASN B 201 -6.68 28.09 12.97
C ASN B 201 -8.15 28.34 12.66
N THR B 202 -8.46 29.57 12.22
CA THR B 202 -9.85 29.88 11.92
C THR B 202 -10.08 30.44 10.52
N GLU B 203 -9.02 30.92 9.88
CA GLU B 203 -9.07 31.59 8.59
C GLU B 203 -7.94 31.05 7.71
N LEU B 204 -8.35 30.44 6.61
CA LEU B 204 -7.40 29.78 5.73
C LEU B 204 -7.38 30.48 4.38
N GLY B 205 -6.21 30.52 3.76
CA GLY B 205 -6.09 31.21 2.48
C GLY B 205 -5.00 30.57 1.61
N ILE B 206 -5.33 30.40 0.33
CA ILE B 206 -4.36 29.83 -0.60
C ILE B 206 -4.36 30.64 -1.91
N VAL B 207 -3.19 30.66 -2.51
CA VAL B 207 -3.04 30.98 -3.94
C VAL B 207 -2.42 29.70 -4.50
N GLU B 208 -3.07 29.09 -5.50
CA GLU B 208 -2.53 27.85 -6.07
C GLU B 208 -2.21 28.04 -7.54
N TYR B 209 -1.09 27.46 -7.99
CA TYR B 209 -0.75 27.48 -9.40
C TYR B 209 -0.72 26.04 -9.88
N GLN B 210 -1.29 25.78 -11.06
CA GLN B 210 -1.32 24.41 -11.58
C GLN B 210 -0.89 24.50 -13.04
N HIS B 211 0.11 23.70 -13.40
CA HIS B 211 0.58 23.68 -14.78
C HIS B 211 0.84 22.25 -15.22
N ALA B 212 0.08 21.80 -16.22
CA ALA B 212 0.23 20.44 -16.74
C ALA B 212 1.26 20.44 -17.86
N PHE B 213 1.88 19.29 -18.06
CA PHE B 213 2.90 19.17 -19.10
C PHE B 213 3.12 17.72 -19.51
N LYS B 214 3.59 17.53 -20.75
CA LYS B 214 4.09 16.23 -21.18
C LYS B 214 5.58 16.08 -20.91
N THR B 215 6.30 17.18 -21.14
CA THR B 215 7.72 17.23 -20.80
CA THR B 215 7.72 17.24 -20.83
C THR B 215 8.06 18.56 -20.14
N PRO B 216 9.06 18.56 -19.24
CA PRO B 216 9.48 19.83 -18.64
C PRO B 216 10.31 20.70 -19.60
N PRO C 2 -32.87 -12.94 25.56
CA PRO C 2 -33.62 -12.13 24.60
C PRO C 2 -32.66 -11.40 23.65
N ALA C 3 -32.64 -11.85 22.39
CA ALA C 3 -31.80 -11.24 21.36
C ALA C 3 -32.03 -9.73 21.31
N MET C 4 -30.98 -8.96 21.03
CA MET C 4 -31.15 -7.53 20.79
C MET C 4 -31.66 -7.30 19.37
N GLU C 5 -32.66 -6.43 19.22
CA GLU C 5 -33.15 -6.05 17.90
C GLU C 5 -32.15 -5.18 17.16
N ILE C 6 -32.06 -5.41 15.85
CA ILE C 6 -31.24 -4.62 14.93
C ILE C 6 -32.08 -3.91 13.88
N GLU C 7 -31.92 -2.60 13.75
CA GLU C 7 -32.42 -1.84 12.60
C GLU C 7 -31.23 -1.28 11.84
N CYS C 8 -31.37 -1.16 10.53
CA CYS C 8 -30.22 -0.75 9.72
C CYS C 8 -30.66 0.00 8.47
N ARG C 9 -29.91 1.06 8.18
CA ARG C 9 -29.99 1.76 6.91
C ARG C 9 -28.58 1.88 6.33
N ILE C 10 -28.46 1.56 5.05
CA ILE C 10 -27.22 1.80 4.32
C ILE C 10 -27.54 2.72 3.15
N THR C 11 -26.77 3.80 3.00
CA THR C 11 -26.91 4.70 1.87
C THR C 11 -25.55 5.00 1.30
N GLY C 12 -25.49 5.06 -0.01
CA GLY C 12 -24.20 5.34 -0.62
C GLY C 12 -24.21 5.40 -2.12
N THR C 13 -23.00 5.44 -2.65
CA THR C 13 -22.85 5.50 -4.09
C THR C 13 -21.73 4.54 -4.44
N LEU C 14 -21.90 3.91 -5.60
CA LEU C 14 -20.88 3.03 -6.12
C LEU C 14 -20.64 3.52 -7.54
N ASN C 15 -19.44 4.01 -7.81
CA ASN C 15 -19.08 4.61 -9.09
C ASN C 15 -20.14 5.66 -9.45
N GLY C 16 -20.59 6.38 -8.42
CA GLY C 16 -21.49 7.54 -8.55
C GLY C 16 -22.96 7.21 -8.65
N VAL C 17 -23.28 5.93 -8.73
CA VAL C 17 -24.68 5.48 -8.72
C VAL C 17 -25.20 5.35 -7.30
N GLU C 18 -26.28 6.06 -6.99
CA GLU C 18 -26.88 6.03 -5.66
CA GLU C 18 -26.88 6.02 -5.65
C GLU C 18 -27.59 4.71 -5.37
N PHE C 19 -27.49 4.28 -4.11
CA PHE C 19 -28.21 3.12 -3.60
C PHE C 19 -28.61 3.36 -2.15
N GLU C 20 -29.61 2.60 -1.71
CA GLU C 20 -30.11 2.72 -0.35
C GLU C 20 -30.81 1.40 -0.02
N LEU C 21 -30.51 0.84 1.15
CA LEU C 21 -31.16 -0.36 1.68
C LEU C 21 -31.62 -0.09 3.10
N VAL C 22 -32.73 -0.71 3.50
CA VAL C 22 -33.27 -0.52 4.85
C VAL C 22 -33.75 -1.89 5.31
N GLY C 23 -33.58 -2.20 6.59
CA GLY C 23 -34.03 -3.49 7.12
C GLY C 23 -33.57 -3.72 8.54
N GLY C 24 -33.33 -4.99 8.86
CA GLY C 24 -32.93 -5.35 10.22
C GLY C 24 -32.99 -6.84 10.52
N GLY C 25 -32.86 -7.14 11.81
CA GLY C 25 -32.80 -8.52 12.25
C GLY C 25 -32.64 -8.50 13.75
N GLU C 26 -31.81 -9.42 14.24
CA GLU C 26 -31.56 -9.54 15.67
C GLU C 26 -30.22 -10.24 15.91
N GLY C 27 -29.74 -10.19 17.15
CA GLY C 27 -28.45 -10.78 17.45
C GLY C 27 -28.37 -11.12 18.91
N THR C 28 -27.54 -12.12 19.21
CA THR C 28 -27.25 -12.51 20.59
CA THR C 28 -27.25 -12.54 20.58
C THR C 28 -25.74 -12.50 20.77
N PRO C 29 -25.23 -11.46 21.45
CA PRO C 29 -23.78 -11.36 21.60
C PRO C 29 -23.14 -12.56 22.28
N GLU C 30 -23.84 -13.15 23.24
CA GLU C 30 -23.28 -14.30 23.95
C GLU C 30 -23.04 -15.49 23.01
N GLN C 31 -23.73 -15.54 21.88
CA GLN C 31 -23.55 -16.63 20.92
CA GLN C 31 -23.52 -16.63 20.94
C GLN C 31 -22.73 -16.17 19.72
N GLY C 32 -22.41 -14.88 19.67
CA GLY C 32 -21.63 -14.33 18.56
C GLY C 32 -22.39 -14.40 17.25
N ARG C 33 -23.72 -14.26 17.31
CA ARG C 33 -24.55 -14.47 16.13
C ARG C 33 -25.43 -13.25 15.88
N MET C 34 -25.59 -12.87 14.62
CA MET C 34 -26.62 -11.90 14.27
CA MET C 34 -26.65 -11.93 14.29
C MET C 34 -27.20 -12.15 12.88
N THR C 35 -28.38 -11.60 12.63
CA THR C 35 -29.03 -11.70 11.33
C THR C 35 -29.38 -10.30 10.86
N ASN C 36 -29.41 -10.07 9.56
CA ASN C 36 -29.84 -8.77 9.02
C ASN C 36 -30.43 -9.07 7.66
N LYS C 37 -31.64 -8.57 7.38
CA LYS C 37 -32.25 -8.65 6.06
C LYS C 37 -32.58 -7.23 5.66
N MET C 38 -32.17 -6.81 4.47
CA MET C 38 -32.46 -5.46 3.99
C MET C 38 -32.88 -5.42 2.53
N LYS C 39 -33.69 -4.42 2.17
CA LYS C 39 -34.24 -4.33 0.83
C LYS C 39 -33.86 -2.97 0.27
N SER C 40 -33.53 -2.95 -1.02
CA SER C 40 -33.28 -1.73 -1.77
C SER C 40 -34.53 -0.85 -1.84
N THR C 41 -34.31 0.45 -1.73
CA THR C 41 -35.40 1.42 -1.88
C THR C 41 -35.32 2.12 -3.24
N LYS C 42 -34.35 1.72 -4.06
CA LYS C 42 -34.13 2.33 -5.37
C LYS C 42 -34.04 1.31 -6.51
N GLY C 43 -34.75 0.20 -6.37
CA GLY C 43 -34.74 -0.84 -7.39
C GLY C 43 -33.52 -1.71 -7.28
N ALA C 44 -33.26 -2.50 -8.31
CA ALA C 44 -32.14 -3.43 -8.32
C ALA C 44 -30.81 -2.71 -8.15
N LEU C 45 -29.87 -3.36 -7.46
CA LEU C 45 -28.53 -2.81 -7.30
C LEU C 45 -27.78 -2.94 -8.61
N THR C 46 -26.84 -2.03 -8.88
CA THR C 46 -26.06 -1.99 -10.12
C THR C 46 -24.74 -2.76 -9.99
N PHE C 47 -24.55 -3.45 -8.86
CA PHE C 47 -23.33 -4.18 -8.54
C PHE C 47 -23.70 -5.39 -7.68
N SER C 48 -22.77 -6.32 -7.51
CA SER C 48 -23.03 -7.54 -6.77
C SER C 48 -23.45 -7.28 -5.31
N PRO C 49 -24.56 -7.89 -4.84
CA PRO C 49 -25.00 -7.61 -3.46
C PRO C 49 -23.97 -8.14 -2.45
N TYR C 50 -23.11 -9.07 -2.85
CA TYR C 50 -22.08 -9.62 -1.98
C TYR C 50 -21.11 -8.56 -1.46
N LEU C 51 -20.91 -7.50 -2.24
CA LEU C 51 -20.12 -6.36 -1.81
C LEU C 51 -20.62 -5.70 -0.53
N LEU C 52 -21.92 -5.84 -0.25
CA LEU C 52 -22.51 -5.17 0.90
C LEU C 52 -22.63 -6.07 2.13
N SER C 53 -22.28 -7.35 2.03
CA SER C 53 -22.46 -8.26 3.17
C SER C 53 -21.77 -7.79 4.44
N HIS C 54 -20.52 -7.36 4.29
CA HIS C 54 -19.78 -6.88 5.46
C HIS C 54 -20.13 -5.44 5.84
N VAL C 55 -21.05 -4.81 5.10
CA VAL C 55 -21.58 -3.53 5.54
C VAL C 55 -22.80 -3.82 6.40
N MET C 56 -23.59 -4.82 5.99
CA MET C 56 -24.77 -5.23 6.74
C MET C 56 -24.46 -5.84 8.11
N1 CR2 C 57 -23.31 -6.48 8.25
CA1 CR2 C 57 -22.83 -7.04 9.51
C1 CR2 C 57 -21.43 -6.50 9.59
N2 CR2 C 57 -20.38 -7.27 9.21
N3 CR2 C 57 -21.04 -5.27 10.00
C2 CR2 C 57 -19.70 -5.23 9.87
O2 CR2 C 57 -18.95 -4.23 10.16
CA2 CR2 C 57 -19.30 -6.47 9.38
CA3 CR2 C 57 -21.82 -4.22 10.42
C3 CR2 C 57 -22.03 -3.87 11.88
O3 CR2 C 57 -22.36 -2.72 12.17
CB2 CR2 C 57 -17.93 -6.84 9.11
CG2 CR2 C 57 -17.36 -8.05 8.61
CD1 CR2 C 57 -18.10 -9.19 8.28
CD2 CR2 C 57 -15.96 -8.02 8.46
CE1 CR2 C 57 -17.47 -10.33 7.78
CE2 CR2 C 57 -15.32 -9.16 8.00
CZ CR2 C 57 -16.07 -10.30 7.65
OH CR2 C 57 -15.39 -11.39 7.17
N PHE C 58 -21.92 -4.87 12.74
CA PHE C 58 -22.35 -4.71 14.13
C PHE C 58 -21.44 -5.54 15.01
N TYR C 59 -20.28 -4.97 15.35
CA TYR C 59 -19.30 -5.72 16.14
C TYR C 59 -19.75 -6.04 17.56
N HIS C 60 -20.88 -5.47 17.98
CA HIS C 60 -21.46 -5.75 19.30
C HIS C 60 -21.74 -7.24 19.49
N PHE C 61 -22.01 -7.95 18.40
CA PHE C 61 -22.52 -9.32 18.45
C PHE C 61 -21.43 -10.36 18.27
N GLY C 62 -20.32 -10.14 18.96
CA GLY C 62 -19.21 -11.08 18.87
C GLY C 62 -18.87 -11.58 20.27
N THR C 63 -18.47 -12.84 20.36
CA THR C 63 -18.02 -13.39 21.63
C THR C 63 -16.56 -12.94 21.82
N TYR C 64 -16.17 -12.83 23.08
CA TYR C 64 -14.80 -12.55 23.50
C TYR C 64 -14.38 -13.63 24.50
N PRO C 65 -13.07 -13.89 24.59
CA PRO C 65 -12.58 -14.98 25.44
C PRO C 65 -12.77 -14.66 26.92
N SER C 66 -12.85 -15.72 27.71
CA SER C 66 -13.01 -15.54 29.15
CA SER C 66 -12.96 -15.58 29.16
CA SER C 66 -12.94 -15.59 29.16
C SER C 66 -12.04 -14.51 29.73
N GLY C 67 -12.57 -13.61 30.55
CA GLY C 67 -11.78 -12.56 31.17
C GLY C 67 -11.76 -11.27 30.37
N TYR C 68 -12.14 -11.33 29.09
CA TYR C 68 -12.15 -10.13 28.25
C TYR C 68 -13.60 -9.74 27.97
N GLU C 69 -13.82 -8.45 27.75
CA GLU C 69 -15.15 -7.93 27.45
C GLU C 69 -15.13 -7.36 26.04
N ASN C 70 -16.21 -7.64 25.30
CA ASN C 70 -16.40 -7.09 23.96
C ASN C 70 -16.43 -5.56 24.14
N PRO C 71 -15.44 -4.84 23.57
CA PRO C 71 -15.38 -3.41 23.87
C PRO C 71 -16.48 -2.61 23.17
N PHE C 72 -17.05 -3.20 22.12
CA PHE C 72 -18.09 -2.57 21.33
C PHE C 72 -19.41 -2.63 22.08
N LEU C 73 -19.66 -3.80 22.67
CA LEU C 73 -20.77 -3.97 23.58
C LEU C 73 -20.63 -3.09 24.81
N HIS C 74 -19.43 -3.04 25.39
CA HIS C 74 -19.14 -2.20 26.56
C HIS C 74 -19.46 -0.73 26.30
N ALA C 75 -19.21 -0.29 25.08
CA ALA C 75 -19.32 1.13 24.76
C ALA C 75 -20.77 1.61 24.72
N ILE C 76 -21.73 0.68 24.66
CA ILE C 76 -23.13 1.07 24.51
C ILE C 76 -23.54 2.05 25.63
N ASN C 77 -23.17 1.70 26.85
CA ASN C 77 -23.52 2.48 28.03
C ASN C 77 -22.59 3.66 28.33
N ASN C 78 -21.53 3.80 27.55
CA ASN C 78 -20.55 4.84 27.84
CA ASN C 78 -20.49 4.78 27.82
C ASN C 78 -20.19 5.70 26.62
N GLY C 79 -21.22 6.03 25.84
CA GLY C 79 -21.02 6.98 24.75
C GLY C 79 -20.74 6.40 23.38
N GLY C 80 -20.53 5.10 23.30
CA GLY C 80 -20.44 4.42 22.02
C GLY C 80 -19.13 4.54 21.24
N TYR C 81 -19.19 4.12 19.99
CA TYR C 81 -18.05 4.19 19.09
C TYR C 81 -18.55 4.37 17.65
N THR C 82 -17.60 4.76 16.79
CA THR C 82 -17.80 4.74 15.34
C THR C 82 -16.76 3.81 14.74
N ASN C 83 -17.02 3.29 13.54
CA ASN C 83 -16.02 2.52 12.79
C ASN C 83 -15.96 3.18 11.43
N THR C 84 -14.74 3.26 10.90
CA THR C 84 -14.52 3.79 9.56
C THR C 84 -13.58 2.78 8.94
N ARG C 85 -13.97 2.26 7.78
CA ARG C 85 -13.15 1.27 7.06
C ARG C 85 -12.81 1.79 5.67
N ILE C 86 -11.56 1.54 5.29
CA ILE C 86 -11.13 1.78 3.92
C ILE C 86 -10.73 0.42 3.36
N GLU C 87 -11.36 0.06 2.24
CA GLU C 87 -11.21 -1.29 1.66
C GLU C 87 -10.66 -1.09 0.26
N LYS C 88 -9.50 -1.68 -0.05
CA LYS C 88 -8.91 -1.57 -1.37
C LYS C 88 -8.98 -2.92 -2.05
N TYR C 89 -9.67 -2.94 -3.18
CA TYR C 89 -9.90 -4.16 -3.93
C TYR C 89 -8.78 -4.39 -4.94
N GLU C 90 -8.51 -5.65 -5.28
CA GLU C 90 -7.42 -6.00 -6.17
C GLU C 90 -7.52 -5.41 -7.56
N ASP C 91 -8.72 -5.05 -8.03
CA ASP C 91 -8.88 -4.43 -9.35
C ASP C 91 -8.87 -2.89 -9.30
N GLY C 92 -8.59 -2.36 -8.12
CA GLY C 92 -8.38 -0.93 -7.92
C GLY C 92 -9.58 -0.25 -7.31
N GLY C 93 -10.70 -0.96 -7.16
CA GLY C 93 -11.86 -0.33 -6.53
C GLY C 93 -11.53 0.05 -5.09
N VAL C 94 -12.13 1.13 -4.60
CA VAL C 94 -12.00 1.53 -3.19
C VAL C 94 -13.38 1.69 -2.57
N LEU C 95 -13.57 1.09 -1.40
CA LEU C 95 -14.83 1.24 -0.70
C LEU C 95 -14.49 1.94 0.61
N HIS C 96 -15.13 3.08 0.87
CA HIS C 96 -14.97 3.79 2.12
C HIS C 96 -16.31 3.68 2.85
N VAL C 97 -16.29 3.15 4.06
CA VAL C 97 -17.53 2.93 4.82
C VAL C 97 -17.46 3.55 6.21
N SER C 98 -18.49 4.29 6.59
CA SER C 98 -18.54 4.81 7.95
CA SER C 98 -18.57 4.88 7.92
C SER C 98 -19.79 4.27 8.63
N PHE C 99 -19.56 3.79 9.85
CA PHE C 99 -20.59 3.18 10.68
C PHE C 99 -20.87 4.05 11.90
N SER C 100 -22.13 4.40 12.09
CA SER C 100 -22.56 5.11 13.29
CA SER C 100 -22.60 5.15 13.26
C SER C 100 -23.77 4.39 13.87
N TYR C 101 -23.93 4.45 15.19
CA TYR C 101 -24.99 3.68 15.86
C TYR C 101 -25.76 4.57 16.83
N ARG C 102 -27.01 4.22 17.07
CA ARG C 102 -27.75 4.74 18.22
C ARG C 102 -28.35 3.54 18.94
N TYR C 103 -28.69 3.70 20.22
CA TYR C 103 -29.21 2.57 20.99
C TYR C 103 -30.56 2.94 21.58
N GLU C 104 -31.49 1.98 21.58
CA GLU C 104 -32.72 2.09 22.37
C GLU C 104 -32.80 0.88 23.30
N ALA C 105 -33.82 0.81 24.14
CA ALA C 105 -33.92 -0.37 24.99
C ALA C 105 -34.06 -1.64 24.13
N GLY C 106 -33.14 -2.57 24.31
CA GLY C 106 -33.08 -3.80 23.53
C GLY C 106 -32.91 -3.66 22.02
N ARG C 107 -32.29 -2.60 21.55
CA ARG C 107 -32.19 -2.32 20.12
C ARG C 107 -30.97 -1.50 19.72
N VAL C 108 -30.30 -1.96 18.66
CA VAL C 108 -29.26 -1.15 18.04
C VAL C 108 -29.74 -0.77 16.66
N ILE C 109 -29.52 0.50 16.35
CA ILE C 109 -29.90 1.09 15.06
C ILE C 109 -28.64 1.58 14.36
N GLY C 110 -28.35 0.98 13.22
CA GLY C 110 -27.17 1.40 12.49
C GLY C 110 -27.53 2.25 11.29
N ASP C 111 -26.73 3.28 11.03
CA ASP C 111 -26.94 4.15 9.87
C ASP C 111 -25.57 4.24 9.22
N PHE C 112 -25.41 3.57 8.08
CA PHE C 112 -24.09 3.36 7.47
C PHE C 112 -23.98 4.07 6.13
N LYS C 113 -22.81 4.63 5.83
CA LYS C 113 -22.60 5.42 4.62
C LYS C 113 -21.46 4.80 3.85
N VAL C 114 -21.66 4.59 2.55
CA VAL C 114 -20.70 3.87 1.71
C VAL C 114 -20.39 4.71 0.48
N MET C 115 -19.10 4.87 0.20
CA MET C 115 -18.69 5.49 -1.05
C MET C 115 -17.70 4.58 -1.74
N GLY C 116 -18.09 4.03 -2.89
CA GLY C 116 -17.24 3.11 -3.63
C GLY C 116 -16.88 3.79 -4.94
N THR C 117 -15.60 3.73 -5.29
CA THR C 117 -15.13 4.45 -6.47
C THR C 117 -14.02 3.64 -7.13
N GLY C 118 -13.83 3.91 -8.41
CA GLY C 118 -12.73 3.33 -9.16
C GLY C 118 -12.86 1.85 -9.46
N PHE C 119 -14.04 1.24 -9.32
CA PHE C 119 -14.20 -0.12 -9.83
C PHE C 119 -14.21 -0.06 -11.37
N PRO C 120 -13.33 -0.82 -12.04
CA PRO C 120 -13.23 -0.74 -13.51
C PRO C 120 -14.48 -1.33 -14.16
N GLU C 121 -14.76 -0.99 -15.42
CA GLU C 121 -15.94 -1.52 -16.08
CA GLU C 121 -15.96 -1.52 -16.07
C GLU C 121 -15.96 -3.05 -16.12
N ASP C 122 -14.79 -3.66 -16.28
CA ASP C 122 -14.69 -5.11 -16.28
C ASP C 122 -14.62 -5.76 -14.89
N SER C 123 -14.95 -5.00 -13.84
CA SER C 123 -14.83 -5.55 -12.49
C SER C 123 -15.78 -6.74 -12.28
N VAL C 124 -15.34 -7.73 -11.49
CA VAL C 124 -16.24 -8.82 -11.13
C VAL C 124 -17.45 -8.28 -10.38
N ILE C 125 -17.37 -7.11 -9.74
CA ILE C 125 -18.56 -6.65 -9.02
C ILE C 125 -19.74 -6.30 -9.92
N PHE C 126 -19.48 -6.17 -11.22
CA PHE C 126 -20.55 -5.96 -12.19
C PHE C 126 -21.03 -7.23 -12.90
N THR C 127 -20.73 -8.38 -12.29
CA THR C 127 -21.10 -9.69 -12.82
C THR C 127 -21.79 -10.48 -11.71
N ASP C 128 -22.26 -11.69 -12.02
CA ASP C 128 -22.69 -12.61 -10.96
C ASP C 128 -21.64 -13.68 -10.67
N LYS C 129 -20.37 -13.35 -10.86
CA LYS C 129 -19.33 -14.31 -10.58
C LYS C 129 -19.08 -14.58 -9.09
N ILE C 130 -19.26 -13.58 -8.25
CA ILE C 130 -19.09 -13.78 -6.81
C ILE C 130 -20.21 -14.69 -6.31
N ILE C 131 -19.82 -15.80 -5.68
CA ILE C 131 -20.77 -16.74 -5.10
C ILE C 131 -20.83 -16.70 -3.57
N ARG C 132 -19.77 -16.20 -2.91
CA ARG C 132 -19.81 -16.03 -1.46
C ARG C 132 -18.65 -15.17 -0.97
N SER C 133 -18.85 -14.60 0.21
CA SER C 133 -17.77 -13.99 1.00
C SER C 133 -17.11 -15.07 1.85
N ASN C 134 -15.79 -15.09 1.86
CA ASN C 134 -15.06 -16.03 2.71
C ASN C 134 -14.76 -15.47 4.10
N ALA C 135 -14.38 -16.34 5.02
CA ALA C 135 -14.10 -15.92 6.41
C ALA C 135 -12.87 -15.02 6.47
N THR C 136 -12.77 -14.30 7.58
CA THR C 136 -11.60 -13.43 7.79
C THR C 136 -11.20 -13.48 9.26
N VAL C 137 -9.96 -13.07 9.53
CA VAL C 137 -9.50 -12.87 10.89
C VAL C 137 -8.82 -11.51 10.92
N GLU C 138 -9.43 -10.62 11.69
CA GLU C 138 -8.97 -9.24 11.88
C GLU C 138 -8.00 -9.14 13.05
N HIS C 139 -6.91 -8.41 12.85
CA HIS C 139 -5.92 -8.12 13.89
C HIS C 139 -6.36 -6.78 14.47
N LEU C 140 -6.63 -6.76 15.76
CA LEU C 140 -7.06 -5.55 16.46
C LEU C 140 -6.05 -5.19 17.53
N HIS C 141 -5.62 -3.93 17.57
CA HIS C 141 -4.82 -3.49 18.70
C HIS C 141 -5.05 -2.00 18.95
N PRO C 142 -4.89 -1.58 20.21
CA PRO C 142 -5.15 -0.17 20.53
C PRO C 142 -4.09 0.77 20.00
N MET C 143 -4.56 1.90 19.48
CA MET C 143 -3.67 2.98 19.07
C MET C 143 -3.47 3.97 20.19
N GLY C 144 -4.46 4.08 21.07
CA GLY C 144 -4.38 4.91 22.26
C GLY C 144 -5.61 4.52 23.06
N ASP C 145 -5.89 5.24 24.14
CA ASP C 145 -6.99 4.89 25.04
C ASP C 145 -8.38 4.88 24.38
N ASN C 146 -8.55 5.60 23.28
CA ASN C 146 -9.86 5.76 22.66
C ASN C 146 -9.93 5.25 21.22
N ASP C 147 -8.90 4.55 20.77
CA ASP C 147 -8.88 4.12 19.37
C ASP C 147 -8.31 2.73 19.19
N LEU C 148 -9.01 1.90 18.41
CA LEU C 148 -8.48 0.60 18.01
C LEU C 148 -8.20 0.62 16.53
N ASP C 149 -7.12 -0.04 16.11
CA ASP C 149 -6.79 -0.17 14.68
C ASP C 149 -7.04 -1.63 14.34
N GLY C 150 -7.68 -1.82 13.19
CA GLY C 150 -7.99 -3.16 12.71
C GLY C 150 -7.42 -3.31 11.31
N SER C 151 -7.04 -4.54 10.95
CA SER C 151 -6.59 -4.78 9.60
C SER C 151 -6.91 -6.23 9.25
N PHE C 152 -7.36 -6.44 8.02
CA PHE C 152 -7.49 -7.82 7.56
C PHE C 152 -7.54 -7.88 6.04
N THR C 153 -7.18 -9.07 5.54
CA THR C 153 -7.39 -9.41 4.14
C THR C 153 -8.73 -10.13 4.00
N ARG C 154 -9.46 -9.80 2.94
CA ARG C 154 -10.77 -10.43 2.72
C ARG C 154 -10.85 -10.96 1.31
N THR C 155 -11.49 -12.11 1.16
CA THR C 155 -11.69 -12.60 -0.19
C THR C 155 -13.14 -13.01 -0.42
N PHE C 156 -13.55 -12.91 -1.68
CA PHE C 156 -14.75 -13.60 -2.16
C PHE C 156 -14.38 -14.77 -3.07
N SER C 157 -15.21 -15.82 -3.05
CA SER C 157 -15.05 -16.93 -3.98
C SER C 157 -15.84 -16.69 -5.27
N LEU C 158 -15.29 -17.07 -6.41
CA LEU C 158 -15.94 -16.86 -7.69
C LEU C 158 -16.42 -18.20 -8.22
N ARG C 159 -17.40 -18.15 -9.10
CA ARG C 159 -18.01 -19.41 -9.51
C ARG C 159 -17.07 -20.34 -10.25
N ASP C 160 -16.13 -19.76 -11.00
CA ASP C 160 -15.21 -20.62 -11.75
C ASP C 160 -13.99 -21.06 -10.92
N GLY C 161 -14.07 -20.81 -9.61
CA GLY C 161 -13.12 -21.36 -8.65
C GLY C 161 -12.07 -20.38 -8.14
N GLY C 162 -12.00 -19.20 -8.75
CA GLY C 162 -11.02 -18.18 -8.36
C GLY C 162 -11.44 -17.36 -7.15
N TYR C 163 -10.71 -16.28 -6.91
CA TYR C 163 -10.96 -15.38 -5.79
C TYR C 163 -10.94 -13.92 -6.20
N TYR C 164 -11.61 -13.07 -5.44
CA TYR C 164 -11.51 -11.62 -5.60
C TYR C 164 -11.14 -11.10 -4.22
N SER C 165 -10.02 -10.37 -4.13
CA SER C 165 -9.47 -10.01 -2.83
CA SER C 165 -9.48 -10.00 -2.82
C SER C 165 -9.48 -8.50 -2.55
N SER C 166 -9.43 -8.16 -1.26
CA SER C 166 -9.28 -6.78 -0.81
C SER C 166 -8.43 -6.77 0.46
N VAL C 167 -7.94 -5.57 0.78
CA VAL C 167 -7.24 -5.29 2.02
C VAL C 167 -8.06 -4.23 2.73
N VAL C 168 -8.32 -4.48 4.01
CA VAL C 168 -9.22 -3.62 4.77
C VAL C 168 -8.44 -3.03 5.93
N ASP C 169 -8.60 -1.72 6.13
CA ASP C 169 -8.05 -1.11 7.33
C ASP C 169 -9.18 -0.40 8.03
N SER C 170 -9.23 -0.54 9.35
CA SER C 170 -10.36 0.01 10.08
C SER C 170 -9.86 0.84 11.23
N HIS C 171 -10.64 1.87 11.52
CA HIS C 171 -10.33 2.79 12.62
C HIS C 171 -11.60 2.90 13.47
N MET C 172 -11.54 2.39 14.70
CA MET C 172 -12.65 2.45 15.64
C MET C 172 -12.35 3.50 16.70
N HIS C 173 -13.21 4.50 16.79
CA HIS C 173 -12.98 5.57 17.73
C HIS C 173 -14.04 5.58 18.81
N PHE C 174 -13.64 5.51 20.08
CA PHE C 174 -14.55 5.43 21.22
C PHE C 174 -14.66 6.75 21.95
N LYS C 175 -15.88 7.12 22.34
CA LYS C 175 -16.11 8.36 23.09
C LYS C 175 -15.46 8.29 24.47
N SER C 176 -15.57 7.15 25.13
CA SER C 176 -14.91 6.86 26.40
C SER C 176 -13.78 5.84 26.19
N ALA C 177 -12.91 5.72 27.20
CA ALA C 177 -11.77 4.83 27.11
C ALA C 177 -12.24 3.41 26.79
N ILE C 178 -11.46 2.72 25.96
CA ILE C 178 -11.71 1.32 25.62
C ILE C 178 -11.66 0.44 26.87
N HIS C 179 -12.54 -0.56 26.95
CA HIS C 179 -12.53 -1.48 28.09
C HIS C 179 -11.12 -1.94 28.47
N PRO C 180 -10.78 -1.84 29.77
CA PRO C 180 -9.42 -2.17 30.20
C PRO C 180 -8.89 -3.53 29.78
N SER C 181 -9.76 -4.54 29.66
CA SER C 181 -9.25 -5.86 29.27
C SER C 181 -8.61 -5.81 27.87
N ILE C 182 -9.10 -4.94 27.01
CA ILE C 182 -8.63 -4.82 25.64
C ILE C 182 -7.48 -3.82 25.62
N LEU C 183 -7.66 -2.70 26.32
CA LEU C 183 -6.66 -1.64 26.30
C LEU C 183 -5.30 -2.07 26.87
N GLN C 184 -5.35 -2.86 27.94
CA GLN C 184 -4.15 -3.25 28.67
C GLN C 184 -3.54 -4.60 28.29
N ASN C 185 -4.09 -5.23 27.25
CA ASN C 185 -3.75 -6.59 26.83
C ASN C 185 -2.25 -6.85 26.58
N GLY C 186 -1.54 -5.90 25.96
CA GLY C 186 -0.13 -6.14 25.61
C GLY C 186 0.13 -7.20 24.55
N GLY C 187 -0.85 -7.31 23.64
CA GLY C 187 -0.79 -8.19 22.49
C GLY C 187 -2.11 -8.00 21.77
N PRO C 188 -2.16 -8.37 20.48
CA PRO C 188 -3.39 -8.14 19.73
C PRO C 188 -4.53 -9.06 20.17
N MET C 189 -5.74 -8.65 19.82
CA MET C 189 -6.91 -9.54 19.83
C MET C 189 -7.26 -9.89 18.40
N PHE C 190 -7.62 -11.14 18.13
CA PHE C 190 -8.05 -11.53 16.79
C PHE C 190 -9.56 -11.65 16.75
N ALA C 191 -10.14 -11.28 15.60
CA ALA C 191 -11.59 -11.39 15.47
C ALA C 191 -11.90 -12.22 14.23
N PHE C 192 -12.38 -13.43 14.47
CA PHE C 192 -12.78 -14.29 13.36
C PHE C 192 -14.22 -13.94 13.00
N ARG C 193 -14.49 -13.82 11.70
CA ARG C 193 -15.85 -13.54 11.24
C ARG C 193 -16.16 -14.41 10.02
N ARG C 194 -17.40 -14.88 9.99
CA ARG C 194 -17.88 -15.57 8.79
C ARG C 194 -19.35 -15.23 8.57
N VAL C 195 -19.78 -15.31 7.31
CA VAL C 195 -21.16 -14.95 6.98
C VAL C 195 -21.85 -16.07 6.20
N GLU C 196 -23.18 -16.12 6.30
CA GLU C 196 -23.97 -16.95 5.40
C GLU C 196 -24.91 -15.97 4.70
N GLU C 197 -24.81 -15.93 3.38
CA GLU C 197 -25.48 -14.90 2.58
C GLU C 197 -26.60 -15.49 1.75
N ASP C 198 -27.72 -14.76 1.65
CA ASP C 198 -28.83 -15.16 0.80
C ASP C 198 -29.35 -13.89 0.15
N HIS C 199 -28.73 -13.55 -0.97
CA HIS C 199 -29.01 -12.29 -1.64
C HIS C 199 -29.69 -12.40 -3.00
N SER C 200 -30.45 -11.37 -3.35
CA SER C 200 -30.83 -11.13 -4.74
C SER C 200 -30.35 -9.71 -5.04
N ASN C 201 -30.67 -9.16 -6.21
CA ASN C 201 -30.32 -7.77 -6.51
C ASN C 201 -31.15 -6.70 -5.80
N THR C 202 -32.22 -7.11 -5.12
CA THR C 202 -33.03 -6.13 -4.40
C THR C 202 -33.20 -6.41 -2.92
N GLU C 203 -32.98 -7.66 -2.51
CA GLU C 203 -33.22 -8.10 -1.14
C GLU C 203 -32.00 -8.89 -0.67
N LEU C 204 -31.39 -8.36 0.37
CA LEU C 204 -30.15 -8.94 0.89
C LEU C 204 -30.35 -9.53 2.28
N GLY C 205 -29.66 -10.63 2.58
CA GLY C 205 -29.78 -11.25 3.90
C GLY C 205 -28.50 -11.94 4.27
N ILE C 206 -28.14 -11.75 5.54
CA ILE C 206 -27.00 -12.42 6.14
C ILE C 206 -27.30 -13.04 7.50
N VAL C 207 -26.54 -14.08 7.80
CA VAL C 207 -26.26 -14.52 9.17
C VAL C 207 -24.76 -14.39 9.37
N GLU C 208 -24.33 -13.70 10.42
CA GLU C 208 -22.90 -13.53 10.69
C GLU C 208 -22.57 -14.09 12.05
N TYR C 209 -21.39 -14.70 12.12
CA TYR C 209 -20.84 -15.21 13.37
C TYR C 209 -19.52 -14.50 13.59
N GLN C 210 -19.30 -14.04 14.81
CA GLN C 210 -18.08 -13.29 15.17
C GLN C 210 -17.54 -13.87 16.47
N HIS C 211 -16.27 -14.30 16.49
CA HIS C 211 -15.67 -14.90 17.68
C HIS C 211 -14.27 -14.34 17.78
N ALA C 212 -14.03 -13.59 18.85
CA ALA C 212 -12.71 -13.00 19.12
C ALA C 212 -11.89 -14.00 19.94
N PHE C 213 -10.59 -13.97 19.71
CA PHE C 213 -9.69 -14.89 20.41
C PHE C 213 -8.28 -14.33 20.55
N LYS C 214 -7.54 -14.81 21.54
CA LYS C 214 -6.11 -14.58 21.70
C LYS C 214 -5.34 -15.71 21.02
N THR C 215 -5.82 -16.93 21.20
CA THR C 215 -5.19 -18.08 20.57
C THR C 215 -6.32 -18.97 20.07
N PRO C 216 -6.07 -19.64 18.93
CA PRO C 216 -7.13 -20.53 18.47
C PRO C 216 -7.17 -21.76 19.36
N ASP C 217 -8.29 -22.48 19.31
CA ASP C 217 -8.30 -23.75 20.02
C ASP C 217 -7.25 -24.70 19.47
N ALA D 3 10.00 -36.22 13.60
CA ALA D 3 10.92 -35.09 13.88
C ALA D 3 11.95 -34.88 12.78
N MET D 4 12.42 -33.64 12.66
CA MET D 4 13.43 -33.29 11.66
C MET D 4 14.45 -32.35 12.26
N GLU D 5 15.72 -32.55 11.94
CA GLU D 5 16.78 -31.61 12.24
C GLU D 5 16.67 -30.41 11.31
N ILE D 6 17.09 -29.26 11.82
CA ILE D 6 17.03 -28.00 11.09
C ILE D 6 18.42 -27.40 11.08
N GLU D 7 18.90 -27.02 9.89
CA GLU D 7 20.14 -26.26 9.79
CA GLU D 7 20.13 -26.27 9.77
C GLU D 7 19.76 -24.94 9.12
N CYS D 8 20.41 -23.86 9.52
CA CYS D 8 19.98 -22.56 9.02
C CYS D 8 21.16 -21.60 8.83
N ARG D 9 21.15 -20.88 7.72
CA ARG D 9 22.05 -19.74 7.54
C ARG D 9 21.22 -18.53 7.11
N ILE D 10 21.49 -17.37 7.70
CA ILE D 10 20.84 -16.09 7.33
C ILE D 10 21.93 -15.11 6.91
N THR D 11 21.87 -14.54 5.71
CA THR D 11 22.87 -13.54 5.32
C THR D 11 22.08 -12.33 4.85
N GLY D 12 22.52 -11.14 5.21
CA GLY D 12 21.76 -9.98 4.75
C GLY D 12 22.49 -8.68 4.95
N THR D 13 21.78 -7.58 4.70
CA THR D 13 22.29 -6.27 5.03
C THR D 13 21.08 -5.51 5.59
N LEU D 14 21.33 -4.65 6.57
CA LEU D 14 20.31 -3.74 7.08
C LEU D 14 20.88 -2.35 6.94
N ASN D 15 20.20 -1.50 6.17
CA ASN D 15 20.72 -0.16 5.87
C ASN D 15 22.17 -0.24 5.34
N GLY D 16 22.45 -1.30 4.59
CA GLY D 16 23.78 -1.49 4.01
C GLY D 16 24.82 -2.24 4.84
N VAL D 17 24.52 -2.41 6.12
CA VAL D 17 25.45 -3.07 7.04
C VAL D 17 25.22 -4.57 6.93
N GLU D 18 26.25 -5.29 6.51
CA GLU D 18 26.26 -6.74 6.38
C GLU D 18 26.19 -7.50 7.70
N PHE D 19 25.36 -8.54 7.71
CA PHE D 19 25.24 -9.49 8.81
C PHE D 19 25.14 -10.92 8.30
N GLU D 20 25.50 -11.87 9.17
CA GLU D 20 25.36 -13.29 8.85
C GLU D 20 25.20 -14.03 10.16
N LEU D 21 24.19 -14.90 10.23
CA LEU D 21 24.01 -15.81 11.36
C LEU D 21 24.04 -17.26 10.89
N VAL D 22 24.54 -18.17 11.71
CA VAL D 22 24.52 -19.59 11.34
C VAL D 22 24.05 -20.41 12.55
N GLY D 23 23.26 -21.45 12.29
CA GLY D 23 22.93 -22.36 13.38
C GLY D 23 21.89 -23.39 13.00
N GLY D 24 20.98 -23.67 13.92
CA GLY D 24 19.96 -24.66 13.58
C GLY D 24 19.23 -25.14 14.82
N GLY D 25 18.48 -26.21 14.64
CA GLY D 25 17.64 -26.75 15.70
C GLY D 25 16.95 -28.01 15.24
N GLU D 26 15.66 -28.09 15.54
CA GLU D 26 14.86 -29.28 15.26
C GLU D 26 13.40 -28.92 15.38
N GLY D 27 12.52 -29.76 14.83
CA GLY D 27 11.12 -29.47 14.98
C GLY D 27 10.28 -30.72 14.77
N THR D 28 9.03 -30.65 15.17
CA THR D 28 8.12 -31.80 15.09
C THR D 28 6.88 -31.20 14.45
N PRO D 29 6.73 -31.38 13.13
CA PRO D 29 5.55 -30.84 12.47
C PRO D 29 4.23 -31.21 13.15
N GLU D 30 4.10 -32.44 13.64
CA GLU D 30 2.84 -32.84 14.25
C GLU D 30 2.48 -32.08 15.53
N GLN D 31 3.49 -31.50 16.17
CA GLN D 31 3.31 -30.61 17.33
C GLN D 31 3.27 -29.15 16.91
N GLY D 32 3.56 -28.86 15.65
CA GLY D 32 3.57 -27.46 15.20
C GLY D 32 4.69 -26.66 15.84
N ARG D 33 5.77 -27.34 16.22
CA ARG D 33 6.79 -26.75 17.04
C ARG D 33 8.17 -26.87 16.39
N MET D 34 8.98 -25.82 16.50
CA MET D 34 10.38 -25.89 16.07
CA MET D 34 10.39 -25.93 16.10
C MET D 34 11.25 -25.00 16.92
N THR D 35 12.54 -25.32 16.98
CA THR D 35 13.54 -24.50 17.67
C THR D 35 14.64 -24.12 16.69
N ASN D 36 15.30 -22.99 16.94
CA ASN D 36 16.42 -22.55 16.11
C ASN D 36 17.26 -21.61 16.96
N LYS D 37 18.55 -21.94 17.06
CA LYS D 37 19.52 -21.07 17.75
C LYS D 37 20.62 -20.75 16.75
N MET D 38 20.96 -19.47 16.61
CA MET D 38 21.95 -19.07 15.62
C MET D 38 22.92 -18.04 16.19
N LYS D 39 24.16 -18.06 15.69
CA LYS D 39 25.18 -17.15 16.19
C LYS D 39 25.61 -16.23 15.07
N SER D 40 25.74 -14.94 15.39
CA SER D 40 26.32 -14.00 14.44
C SER D 40 27.80 -14.33 14.18
N THR D 41 28.22 -14.14 12.94
CA THR D 41 29.59 -14.42 12.54
C THR D 41 30.37 -13.13 12.28
N LYS D 42 29.71 -12.00 12.48
CA LYS D 42 30.31 -10.69 12.19
C LYS D 42 30.24 -9.77 13.39
N GLY D 43 30.28 -10.37 14.57
CA GLY D 43 30.18 -9.63 15.82
C GLY D 43 28.75 -9.25 16.13
N ALA D 44 28.59 -8.26 17.01
CA ALA D 44 27.25 -7.86 17.45
C ALA D 44 26.44 -7.25 16.32
N LEU D 45 25.15 -7.58 16.29
CA LEU D 45 24.23 -6.95 15.36
C LEU D 45 24.03 -5.47 15.67
N THR D 46 23.87 -4.70 14.60
CA THR D 46 23.75 -3.24 14.67
C THR D 46 22.29 -2.82 14.85
N PHE D 47 21.41 -3.81 15.05
CA PHE D 47 19.97 -3.60 15.20
C PHE D 47 19.39 -4.67 16.13
N SER D 48 18.16 -4.47 16.55
CA SER D 48 17.49 -5.41 17.47
C SER D 48 17.38 -6.85 16.94
N PRO D 49 17.80 -7.84 17.73
CA PRO D 49 17.78 -9.22 17.25
C PRO D 49 16.36 -9.72 17.02
N TYR D 50 15.39 -9.06 17.67
CA TYR D 50 13.99 -9.42 17.51
C TYR D 50 13.48 -9.22 16.08
N LEU D 51 14.16 -8.36 15.32
CA LEU D 51 13.82 -8.21 13.90
C LEU D 51 14.03 -9.50 13.13
N LEU D 52 14.90 -10.36 13.63
CA LEU D 52 15.17 -11.60 12.91
C LEU D 52 14.41 -12.83 13.41
N SER D 53 13.63 -12.74 14.48
CA SER D 53 12.90 -13.90 15.01
C SER D 53 12.07 -14.60 13.95
N HIS D 54 11.37 -13.80 13.16
CA HIS D 54 10.51 -14.36 12.13
C HIS D 54 11.23 -14.69 10.81
N VAL D 55 12.54 -14.44 10.73
CA VAL D 55 13.41 -15.00 9.68
C VAL D 55 13.99 -16.35 10.13
N MET D 56 14.36 -16.48 11.41
CA MET D 56 14.85 -17.73 11.97
C MET D 56 13.75 -18.78 11.98
N1 CR2 D 57 12.48 -18.38 12.02
CA1 CR2 D 57 11.36 -19.31 12.03
C1 CR2 D 57 10.40 -18.65 11.07
N2 CR2 D 57 9.36 -17.90 11.53
N3 CR2 D 57 10.49 -18.73 9.73
C2 CR2 D 57 9.47 -17.95 9.29
O2 CR2 D 57 9.21 -17.76 8.04
CA2 CR2 D 57 8.77 -17.46 10.39
CA3 CR2 D 57 11.45 -19.37 8.96
C3 CR2 D 57 11.18 -20.66 8.20
O3 CR2 D 57 11.90 -21.02 7.25
CB2 CR2 D 57 7.61 -16.61 10.27
CG2 CR2 D 57 6.81 -16.04 11.30
CD1 CR2 D 57 7.03 -16.18 12.67
CD2 CR2 D 57 5.75 -15.26 10.81
CE1 CR2 D 57 6.19 -15.58 13.63
CE2 CR2 D 57 4.92 -14.64 11.76
CZ CR2 D 57 5.14 -14.80 13.13
OH CR2 D 57 4.25 -14.14 13.93
N PHE D 58 10.40 -21.49 8.89
CA PHE D 58 10.23 -22.89 8.46
C PHE D 58 8.77 -23.31 8.58
N TYR D 59 7.96 -22.99 7.57
CA TYR D 59 6.52 -23.31 7.66
C TYR D 59 6.19 -24.79 7.66
N HIS D 60 7.20 -25.62 7.41
CA HIS D 60 7.01 -27.06 7.44
C HIS D 60 6.53 -27.52 8.81
N PHE D 61 6.85 -26.77 9.86
CA PHE D 61 6.58 -27.23 11.22
C PHE D 61 5.31 -26.58 11.79
N GLY D 62 4.21 -26.69 11.05
CA GLY D 62 2.93 -26.17 11.53
C GLY D 62 1.92 -27.30 11.48
N THR D 63 1.01 -27.28 12.46
CA THR D 63 -0.08 -28.23 12.46
C THR D 63 -1.17 -27.70 11.55
N TYR D 64 -1.90 -28.63 10.92
CA TYR D 64 -3.06 -28.32 10.09
C TYR D 64 -4.27 -29.09 10.63
N PRO D 65 -5.48 -28.54 10.41
CA PRO D 65 -6.68 -29.21 10.93
C PRO D 65 -6.91 -30.59 10.31
N SER D 66 -7.64 -31.42 11.04
CA SER D 66 -8.06 -32.71 10.53
C SER D 66 -8.63 -32.57 9.12
N GLY D 67 -8.15 -33.40 8.21
CA GLY D 67 -8.65 -33.35 6.84
C GLY D 67 -7.78 -32.55 5.91
N TYR D 68 -6.79 -31.86 6.48
CA TYR D 68 -5.89 -31.01 5.71
C TYR D 68 -4.43 -31.41 5.94
N GLU D 69 -3.57 -31.18 4.96
CA GLU D 69 -2.15 -31.45 5.14
C GLU D 69 -1.40 -30.15 4.94
N ASN D 70 -0.39 -29.95 5.78
CA ASN D 70 0.54 -28.84 5.66
C ASN D 70 1.20 -28.90 4.27
N PRO D 71 0.96 -27.85 3.45
CA PRO D 71 1.47 -27.97 2.09
C PRO D 71 2.97 -27.77 1.97
N PHE D 72 3.55 -27.07 2.94
CA PHE D 72 5.00 -26.80 2.97
C PHE D 72 5.71 -28.12 3.31
N LEU D 73 5.16 -28.83 4.27
CA LEU D 73 5.67 -30.15 4.62
C LEU D 73 5.51 -31.13 3.45
N HIS D 74 4.34 -31.08 2.82
CA HIS D 74 4.08 -31.99 1.69
C HIS D 74 5.08 -31.80 0.55
N ALA D 75 5.49 -30.54 0.37
CA ALA D 75 6.33 -30.15 -0.75
C ALA D 75 7.73 -30.74 -0.68
N ILE D 76 8.10 -31.23 0.50
CA ILE D 76 9.45 -31.77 0.65
C ILE D 76 9.78 -32.86 -0.37
N ASN D 77 8.84 -33.77 -0.60
CA ASN D 77 9.09 -34.89 -1.48
C ASN D 77 8.56 -34.68 -2.89
N ASN D 78 8.35 -33.41 -3.25
CA ASN D 78 7.66 -33.06 -4.48
C ASN D 78 8.23 -31.77 -5.07
N GLY D 79 9.51 -31.50 -4.86
CA GLY D 79 10.12 -30.33 -5.51
C GLY D 79 10.26 -29.07 -4.67
N GLY D 80 9.64 -29.05 -3.49
CA GLY D 80 9.77 -27.89 -2.62
C GLY D 80 9.03 -26.63 -3.00
N TYR D 81 9.33 -25.56 -2.27
CA TYR D 81 8.74 -24.24 -2.48
C TYR D 81 9.76 -23.21 -2.02
N THR D 82 9.49 -21.98 -2.44
CA THR D 82 10.24 -20.84 -1.94
C THR D 82 9.23 -19.90 -1.28
N ASN D 83 9.73 -19.01 -0.42
CA ASN D 83 8.88 -17.96 0.11
C ASN D 83 9.65 -16.68 -0.05
N THR D 84 8.93 -15.64 -0.43
CA THR D 84 9.50 -14.30 -0.53
C THR D 84 8.56 -13.39 0.22
N ARG D 85 9.08 -12.62 1.16
CA ARG D 85 8.24 -11.72 1.93
C ARG D 85 8.71 -10.29 1.82
N ILE D 86 7.73 -9.41 1.74
CA ILE D 86 8.05 -7.99 1.81
C ILE D 86 7.29 -7.47 3.02
N GLU D 87 8.09 -6.89 3.91
CA GLU D 87 7.58 -6.43 5.21
C GLU D 87 7.77 -4.94 5.30
N LYS D 88 6.69 -4.20 5.52
CA LYS D 88 6.78 -2.75 5.57
C LYS D 88 6.48 -2.31 7.00
N TYR D 89 7.46 -1.65 7.63
CA TYR D 89 7.39 -1.23 9.04
C TYR D 89 6.80 0.16 9.10
N GLU D 90 6.15 0.45 10.22
CA GLU D 90 5.38 1.68 10.34
C GLU D 90 6.23 2.94 10.30
N ASP D 91 7.56 2.80 10.43
CA ASP D 91 8.50 3.92 10.34
C ASP D 91 9.12 4.06 8.96
N GLY D 92 8.71 3.20 8.02
CA GLY D 92 9.18 3.35 6.63
C GLY D 92 10.17 2.27 6.25
N GLY D 93 10.67 1.52 7.23
CA GLY D 93 11.70 0.52 6.97
C GLY D 93 11.07 -0.58 6.13
N VAL D 94 11.85 -1.23 5.28
CA VAL D 94 11.37 -2.34 4.48
C VAL D 94 12.32 -3.52 4.67
N LEU D 95 11.75 -4.70 4.88
CA LEU D 95 12.58 -5.89 4.89
C LEU D 95 12.10 -6.78 3.73
N HIS D 96 13.01 -7.14 2.84
CA HIS D 96 12.75 -8.12 1.78
C HIS D 96 13.45 -9.41 2.21
N VAL D 97 12.73 -10.51 2.37
CA VAL D 97 13.38 -11.75 2.78
C VAL D 97 13.01 -12.83 1.77
N SER D 98 14.03 -13.59 1.37
CA SER D 98 13.75 -14.76 0.54
CA SER D 98 13.88 -14.75 0.50
C SER D 98 14.29 -16.01 1.24
N PHE D 99 13.45 -17.03 1.24
CA PHE D 99 13.74 -18.31 1.89
C PHE D 99 13.87 -19.40 0.82
N SER D 100 14.99 -20.11 0.82
CA SER D 100 15.17 -21.33 0.04
CA SER D 100 15.05 -21.36 0.07
C SER D 100 15.54 -22.49 0.97
N TYR D 101 15.19 -23.71 0.59
CA TYR D 101 15.45 -24.92 1.38
C TYR D 101 16.06 -26.04 0.54
N ARG D 102 16.93 -26.84 1.16
CA ARG D 102 17.24 -28.19 0.68
C ARG D 102 16.90 -29.23 1.73
N TYR D 103 16.69 -30.47 1.30
CA TYR D 103 16.31 -31.53 2.23
C TYR D 103 17.34 -32.66 2.15
N GLU D 104 17.85 -33.10 3.30
CA GLU D 104 18.64 -34.33 3.41
C GLU D 104 17.88 -35.29 4.30
N ALA D 105 18.36 -36.52 4.46
CA ALA D 105 17.62 -37.51 5.23
C ALA D 105 17.42 -36.97 6.65
N GLY D 106 16.16 -36.88 7.06
CA GLY D 106 15.77 -36.38 8.38
C GLY D 106 16.12 -34.93 8.67
N ARG D 107 16.31 -34.13 7.62
CA ARG D 107 16.82 -32.79 7.83
C ARG D 107 16.35 -31.72 6.84
N VAL D 108 16.10 -30.52 7.33
CA VAL D 108 15.77 -29.38 6.47
C VAL D 108 16.86 -28.33 6.60
N ILE D 109 17.40 -27.85 5.48
CA ILE D 109 18.45 -26.85 5.52
C ILE D 109 17.91 -25.61 4.84
N GLY D 110 17.84 -24.50 5.60
CA GLY D 110 17.40 -23.22 5.04
C GLY D 110 18.55 -22.26 4.82
N ASP D 111 18.50 -21.55 3.70
CA ASP D 111 19.51 -20.55 3.38
C ASP D 111 18.70 -19.31 3.01
N PHE D 112 18.77 -18.27 3.85
CA PHE D 112 17.82 -17.18 3.84
C PHE D 112 18.54 -15.86 3.61
N LYS D 113 17.93 -15.00 2.80
CA LYS D 113 18.59 -13.76 2.42
C LYS D 113 17.70 -12.59 2.77
N VAL D 114 18.27 -11.57 3.41
CA VAL D 114 17.48 -10.46 3.94
C VAL D 114 18.08 -9.16 3.45
N MET D 115 17.25 -8.25 2.96
CA MET D 115 17.77 -6.93 2.64
C MET D 115 16.79 -5.97 3.30
N GLY D 116 17.27 -5.20 4.28
CA GLY D 116 16.45 -4.21 4.96
C GLY D 116 16.99 -2.84 4.59
N THR D 117 16.07 -1.91 4.31
CA THR D 117 16.49 -0.59 3.85
C THR D 117 15.46 0.44 4.35
N GLY D 118 15.89 1.70 4.44
CA GLY D 118 15.01 2.79 4.79
C GLY D 118 14.58 2.87 6.24
N PHE D 119 15.27 2.16 7.13
CA PHE D 119 14.97 2.36 8.55
C PHE D 119 15.61 3.67 8.97
N PRO D 120 14.79 4.60 9.52
CA PRO D 120 15.30 5.90 9.98
C PRO D 120 16.26 5.78 11.15
N GLU D 121 17.11 6.79 11.34
CA GLU D 121 18.08 6.80 12.42
C GLU D 121 17.40 6.62 13.78
N ASP D 122 16.22 7.22 13.91
CA ASP D 122 15.46 7.16 15.14
C ASP D 122 14.57 5.93 15.27
N SER D 123 14.79 4.93 14.41
CA SER D 123 14.00 3.69 14.43
C SER D 123 14.07 2.90 15.74
N VAL D 124 12.95 2.35 16.18
CA VAL D 124 13.03 1.55 17.41
C VAL D 124 13.94 0.34 17.16
N ILE D 125 14.16 -0.04 15.91
CA ILE D 125 15.13 -1.13 15.67
C ILE D 125 16.58 -0.89 16.11
N PHE D 126 16.96 0.37 16.31
CA PHE D 126 18.30 0.75 16.72
C PHE D 126 18.32 1.13 18.21
N THR D 127 17.35 0.58 18.93
CA THR D 127 17.28 0.73 20.39
C THR D 127 17.03 -0.62 21.05
N ASP D 128 16.91 -0.61 22.38
CA ASP D 128 16.53 -1.83 23.10
CA ASP D 128 16.52 -1.83 23.09
C ASP D 128 15.07 -1.79 23.54
N LYS D 129 14.25 -1.03 22.81
CA LYS D 129 12.84 -0.87 23.17
C LYS D 129 11.96 -2.09 22.91
N ILE D 130 12.29 -2.85 21.87
CA ILE D 130 11.48 -4.04 21.58
C ILE D 130 11.78 -5.08 22.64
N ILE D 131 10.71 -5.59 23.27
CA ILE D 131 10.89 -6.63 24.29
C ILE D 131 10.35 -8.00 23.90
N ARG D 132 9.47 -8.05 22.89
CA ARG D 132 9.00 -9.35 22.37
C ARG D 132 8.18 -9.17 21.09
N SER D 133 8.18 -10.20 20.26
CA SER D 133 7.24 -10.30 19.15
C SER D 133 5.86 -10.73 19.64
N ASN D 134 4.80 -10.12 19.13
CA ASN D 134 3.46 -10.59 19.44
C ASN D 134 3.00 -11.64 18.43
N ALA D 135 1.98 -12.40 18.84
CA ALA D 135 1.34 -13.40 17.99
C ALA D 135 0.77 -12.79 16.70
N THR D 136 0.65 -13.60 15.66
CA THR D 136 0.05 -13.17 14.40
C THR D 136 -0.88 -14.27 13.86
N VAL D 137 -1.80 -13.86 12.99
CA VAL D 137 -2.60 -14.80 12.20
C VAL D 137 -2.51 -14.39 10.74
N GLU D 138 -1.89 -15.28 9.96
CA GLU D 138 -1.73 -15.04 8.52
C GLU D 138 -2.94 -15.59 7.76
N HIS D 139 -3.40 -14.80 6.78
CA HIS D 139 -4.42 -15.24 5.83
C HIS D 139 -3.72 -15.82 4.61
N LEU D 140 -3.99 -17.09 4.32
CA LEU D 140 -3.35 -17.80 3.21
C LEU D 140 -4.41 -18.21 2.20
N HIS D 141 -4.18 -17.91 0.91
CA HIS D 141 -5.05 -18.49 -0.11
C HIS D 141 -4.30 -18.72 -1.43
N PRO D 142 -4.73 -19.74 -2.18
CA PRO D 142 -4.07 -20.02 -3.46
C PRO D 142 -4.29 -18.95 -4.52
N MET D 143 -3.22 -18.67 -5.26
CA MET D 143 -3.40 -17.78 -6.40
CA MET D 143 -3.29 -17.77 -6.40
C MET D 143 -3.53 -18.52 -7.71
N GLY D 144 -3.14 -19.78 -7.70
CA GLY D 144 -3.35 -20.74 -8.79
C GLY D 144 -2.78 -22.01 -8.19
N ASP D 145 -2.56 -23.04 -9.00
CA ASP D 145 -2.22 -24.34 -8.45
C ASP D 145 -0.84 -24.45 -7.79
N ASN D 146 0.04 -23.50 -8.07
CA ASN D 146 1.43 -23.56 -7.62
C ASN D 146 1.86 -22.38 -6.74
N ASP D 147 0.90 -21.56 -6.30
CA ASP D 147 1.29 -20.38 -5.55
C ASP D 147 0.28 -20.05 -4.46
N LEU D 148 0.78 -19.68 -3.27
CA LEU D 148 -0.08 -19.20 -2.22
C LEU D 148 0.31 -17.76 -1.94
N ASP D 149 -0.71 -16.96 -1.64
CA ASP D 149 -0.53 -15.59 -1.20
C ASP D 149 -0.81 -15.54 0.30
N GLY D 150 0.06 -14.83 1.03
CA GLY D 150 -0.15 -14.70 2.47
C GLY D 150 -0.09 -13.22 2.82
N SER D 151 -0.83 -12.86 3.88
CA SER D 151 -0.77 -11.50 4.38
C SER D 151 -1.07 -11.53 5.87
N PHE D 152 -0.31 -10.72 6.60
CA PHE D 152 -0.60 -10.53 8.02
C PHE D 152 -0.07 -9.19 8.51
N THR D 153 -0.71 -8.70 9.57
CA THR D 153 -0.19 -7.58 10.36
C THR D 153 0.65 -8.17 11.49
N ARG D 154 1.78 -7.54 11.80
CA ARG D 154 2.64 -8.04 12.87
C ARG D 154 2.96 -6.90 13.82
N THR D 155 2.97 -7.17 15.13
CA THR D 155 3.42 -6.15 16.06
C THR D 155 4.48 -6.74 17.00
N PHE D 156 5.35 -5.85 17.46
CA PHE D 156 6.24 -6.13 18.58
C PHE D 156 5.73 -5.29 19.75
N SER D 157 5.93 -5.82 20.96
CA SER D 157 5.69 -5.08 22.19
C SER D 157 6.93 -4.29 22.59
N LEU D 158 6.70 -3.06 23.03
CA LEU D 158 7.79 -2.20 23.48
C LEU D 158 7.84 -2.09 25.00
N ARG D 159 9.04 -1.89 25.53
CA ARG D 159 9.30 -1.70 26.96
C ARG D 159 8.29 -0.77 27.65
N ASP D 160 7.98 0.37 27.05
CA ASP D 160 7.06 1.34 27.63
C ASP D 160 5.57 1.07 27.47
N GLY D 161 5.18 -0.06 26.89
CA GLY D 161 3.77 -0.42 26.75
C GLY D 161 3.21 -0.31 25.34
N GLY D 162 3.99 0.32 24.46
CA GLY D 162 3.53 0.59 23.09
C GLY D 162 3.73 -0.58 22.14
N TYR D 163 3.54 -0.34 20.84
CA TYR D 163 3.71 -1.34 19.80
C TYR D 163 4.56 -0.75 18.67
N TYR D 164 5.23 -1.63 17.93
CA TYR D 164 5.91 -1.28 16.69
C TYR D 164 5.35 -2.24 15.64
N SER D 165 4.73 -1.69 14.60
CA SER D 165 3.91 -2.51 13.72
C SER D 165 4.47 -2.60 12.30
N SER D 166 4.07 -3.66 11.62
CA SER D 166 4.44 -3.87 10.21
C SER D 166 3.29 -4.60 9.51
N VAL D 167 3.34 -4.54 8.19
CA VAL D 167 2.44 -5.33 7.34
C VAL D 167 3.28 -6.21 6.45
N VAL D 168 2.89 -7.48 6.38
CA VAL D 168 3.74 -8.43 5.67
C VAL D 168 2.92 -9.06 4.55
N ASP D 169 3.50 -9.10 3.36
CA ASP D 169 2.89 -9.84 2.25
C ASP D 169 3.91 -10.85 1.75
N SER D 170 3.39 -12.04 1.50
CA SER D 170 4.23 -13.20 1.22
C SER D 170 3.73 -13.88 -0.05
N HIS D 171 4.70 -14.35 -0.83
CA HIS D 171 4.40 -15.10 -2.04
C HIS D 171 5.16 -16.43 -1.93
N MET D 172 4.43 -17.55 -1.90
CA MET D 172 5.06 -18.85 -1.79
C MET D 172 4.82 -19.55 -3.13
N HIS D 173 5.91 -20.00 -3.76
CA HIS D 173 5.85 -20.63 -5.08
C HIS D 173 6.31 -22.07 -4.99
N PHE D 174 5.49 -22.99 -5.47
CA PHE D 174 5.73 -24.43 -5.30
C PHE D 174 6.13 -25.04 -6.63
N LYS D 175 7.15 -25.90 -6.65
CA LYS D 175 7.51 -26.50 -7.93
C LYS D 175 6.43 -27.44 -8.46
N SER D 176 5.74 -28.14 -7.57
CA SER D 176 4.61 -28.97 -7.95
C SER D 176 3.32 -28.39 -7.37
N ALA D 177 2.19 -28.92 -7.81
CA ALA D 177 0.90 -28.44 -7.32
C ALA D 177 0.84 -28.50 -5.81
N ILE D 178 0.26 -27.45 -5.24
CA ILE D 178 0.02 -27.38 -3.80
C ILE D 178 -0.88 -28.54 -3.37
N HIS D 179 -0.63 -29.06 -2.17
CA HIS D 179 -1.42 -30.18 -1.67
C HIS D 179 -2.90 -29.94 -1.92
N PRO D 180 -3.61 -30.93 -2.49
CA PRO D 180 -5.00 -30.70 -2.86
C PRO D 180 -5.94 -30.32 -1.72
N SER D 181 -5.65 -30.70 -0.47
CA SER D 181 -6.53 -30.27 0.62
C SER D 181 -6.60 -28.75 0.72
N ILE D 182 -5.50 -28.09 0.36
CA ILE D 182 -5.43 -26.63 0.40
C ILE D 182 -5.99 -26.03 -0.89
N LEU D 183 -5.67 -26.64 -2.04
CA LEU D 183 -6.26 -26.14 -3.29
C LEU D 183 -7.76 -26.31 -3.43
N GLN D 184 -8.28 -27.39 -2.87
CA GLN D 184 -9.68 -27.75 -3.06
C GLN D 184 -10.47 -27.18 -1.88
N ASN D 185 -9.83 -26.30 -1.10
CA ASN D 185 -10.47 -25.76 0.10
C ASN D 185 -11.57 -24.71 -0.11
N GLY D 186 -11.48 -23.92 -1.17
CA GLY D 186 -12.53 -22.94 -1.44
C GLY D 186 -12.74 -21.83 -0.40
N GLY D 187 -11.71 -21.59 0.40
CA GLY D 187 -11.58 -20.33 1.13
C GLY D 187 -10.20 -20.31 1.75
N PRO D 188 -9.91 -19.26 2.54
CA PRO D 188 -8.56 -19.18 3.09
C PRO D 188 -8.29 -20.22 4.18
N MET D 189 -7.00 -20.44 4.41
CA MET D 189 -6.52 -21.09 5.64
C MET D 189 -5.86 -20.01 6.49
N PHE D 190 -6.02 -20.07 7.80
CA PHE D 190 -5.43 -19.06 8.69
C PHE D 190 -4.27 -19.76 9.38
N ALA D 191 -3.15 -19.05 9.54
CA ALA D 191 -2.01 -19.64 10.23
C ALA D 191 -1.69 -18.78 11.45
N PHE D 192 -1.96 -19.28 12.65
CA PHE D 192 -1.56 -18.61 13.88
C PHE D 192 -0.11 -18.96 14.19
N ARG D 193 0.67 -17.96 14.55
CA ARG D 193 2.06 -18.19 14.95
C ARG D 193 2.41 -17.38 16.19
N ARG D 194 3.22 -17.99 17.04
CA ARG D 194 3.73 -17.23 18.19
C ARG D 194 5.16 -17.72 18.38
N VAL D 195 5.98 -16.84 18.93
CA VAL D 195 7.38 -17.15 19.13
CA VAL D 195 7.38 -17.15 19.13
C VAL D 195 7.80 -16.84 20.57
N GLU D 196 8.73 -17.64 21.07
CA GLU D 196 9.33 -17.45 22.39
C GLU D 196 10.79 -17.15 22.07
N GLU D 197 11.24 -15.97 22.46
CA GLU D 197 12.55 -15.48 22.05
C GLU D 197 13.51 -15.33 23.22
N ASP D 198 14.75 -15.78 23.01
CA ASP D 198 15.82 -15.60 23.98
C ASP D 198 17.09 -15.14 23.25
N HIS D 199 17.19 -13.83 23.10
CA HIS D 199 18.22 -13.23 22.25
C HIS D 199 19.23 -12.39 23.01
N SER D 200 20.48 -12.43 22.55
CA SER D 200 21.39 -11.35 22.83
C SER D 200 21.74 -10.73 21.46
N ASN D 201 22.69 -9.80 21.42
CA ASN D 201 23.09 -9.27 20.12
C ASN D 201 24.02 -10.11 19.26
N THR D 202 24.46 -11.25 19.76
CA THR D 202 25.29 -12.15 18.97
C THR D 202 24.70 -13.56 18.89
N GLU D 203 23.87 -13.93 19.86
CA GLU D 203 23.35 -15.29 19.94
C GLU D 203 21.83 -15.18 20.11
N LEU D 204 21.14 -15.73 19.11
CA LEU D 204 19.69 -15.64 18.94
C LEU D 204 19.06 -17.01 19.11
N GLY D 205 17.87 -17.06 19.72
CA GLY D 205 17.22 -18.35 19.95
C GLY D 205 15.72 -18.14 19.90
N ILE D 206 15.03 -19.05 19.23
CA ILE D 206 13.57 -19.04 19.21
C ILE D 206 13.02 -20.44 19.44
N VAL D 207 11.82 -20.49 20.01
CA VAL D 207 10.90 -21.61 19.88
C VAL D 207 9.66 -20.98 19.24
N GLU D 208 9.19 -21.61 18.17
CA GLU D 208 8.02 -21.09 17.46
C GLU D 208 6.96 -22.18 17.41
N TYR D 209 5.72 -21.76 17.64
CA TYR D 209 4.56 -22.61 17.43
C TYR D 209 3.72 -22.05 16.30
N GLN D 210 3.26 -22.98 15.44
CA GLN D 210 2.52 -22.64 14.25
C GLN D 210 1.32 -23.57 14.19
N HIS D 211 0.12 -22.98 14.14
CA HIS D 211 -1.11 -23.75 14.11
C HIS D 211 -2.11 -23.18 13.11
N ALA D 212 -2.37 -23.98 12.07
CA ALA D 212 -3.28 -23.51 11.04
C ALA D 212 -4.71 -23.93 11.38
N PHE D 213 -5.66 -23.14 10.93
CA PHE D 213 -7.05 -23.46 11.23
C PHE D 213 -7.96 -22.86 10.15
N LYS D 214 -9.13 -23.46 9.99
CA LYS D 214 -10.20 -22.84 9.22
CA LYS D 214 -10.22 -22.86 9.22
C LYS D 214 -11.11 -22.00 10.14
N THR D 215 -11.36 -22.46 11.36
CA THR D 215 -12.16 -21.72 12.34
C THR D 215 -11.50 -21.84 13.72
N PRO D 216 -11.56 -20.79 14.56
CA PRO D 216 -10.82 -20.86 15.82
C PRO D 216 -11.44 -21.71 16.93
N ASP D 217 -12.65 -22.19 16.77
CA ASP D 217 -13.14 -23.13 17.79
C ASP D 217 -12.80 -24.56 17.34
#